data_3MLQ
#
_entry.id   3MLQ
#
_cell.length_a   106.585
_cell.length_b   106.585
_cell.length_c   122.301
_cell.angle_alpha   90.00
_cell.angle_beta   90.00
_cell.angle_gamma   90.00
#
_symmetry.space_group_name_H-M   'P 43'
#
loop_
_entity.id
_entity.type
_entity.pdbx_description
1 polymer 'DNA-directed RNA polymerase subunit beta'
2 polymer 'Transcription-repair coupling factor'
3 non-polymer 'PHOSPHATE ION'
#
loop_
_entity_poly.entity_id
_entity_poly.type
_entity_poly.pdbx_seq_one_letter_code
_entity_poly.pdbx_strand_id
1 'polypeptide(L)'
;MPLTEIQVESYKKALQADVPPEKRENVGIQAAFKETFPIEEGDKGKGGLVLDFLEYRIGDPPFSQDECREKDLTYQAPLY
ARLQLIHKDTGLIKEDEVFLGHLPLMTEDGSFIINGADRVIVSQGGRTVGELMADQFRVGLARLARGVRERMVMGSPDTL
TPAKLVNSRPLEAALREFFSRSQLSQFK
;
A,B,C,D
2 'polypeptide(L)' GPHMPGDYLIHPEHGVGQYLGLETREVLGVKRDYLVLRYKGEGKLYLPVEQLPLLKRHPGTTDDPPELSSL E,F,G,H
#
loop_
_chem_comp.id
_chem_comp.type
_chem_comp.name
_chem_comp.formula
PO4 non-polymer 'PHOSPHATE ION' 'O4 P -3'
#
# COMPACT_ATOMS: atom_id res chain seq x y z
N PRO A 2 15.19 37.70 15.45
CA PRO A 2 15.28 36.69 14.39
C PRO A 2 13.95 35.97 14.16
N LEU A 3 14.01 34.82 13.48
CA LEU A 3 12.83 34.03 13.16
C LEU A 3 12.96 32.63 13.75
N THR A 4 14.08 31.97 13.42
CA THR A 4 14.42 30.66 14.00
C THR A 4 14.17 30.61 15.50
N GLU A 5 14.67 31.63 16.21
CA GLU A 5 14.51 31.70 17.65
C GLU A 5 13.03 31.87 18.07
N ILE A 6 12.29 32.74 17.39
CA ILE A 6 10.85 32.87 17.60
C ILE A 6 10.17 31.53 17.29
N GLN A 7 10.48 30.99 16.11
CA GLN A 7 9.88 29.75 15.61
C GLN A 7 10.18 28.51 16.44
N VAL A 8 11.42 28.38 16.87
CA VAL A 8 11.85 27.26 17.70
C VAL A 8 11.04 27.23 18.98
N GLU A 9 11.13 28.30 19.74
CA GLU A 9 10.40 28.39 21.01
C GLU A 9 8.92 28.08 20.78
N SER A 10 8.34 28.70 19.76
CA SER A 10 6.94 28.47 19.40
C SER A 10 6.55 26.98 19.37
N TYR A 11 7.21 26.20 18.50
CA TYR A 11 7.01 24.75 18.43
C TYR A 11 7.24 24.12 19.81
N LYS A 12 8.31 24.58 20.46
CA LYS A 12 8.70 24.11 21.79
C LYS A 12 7.62 24.34 22.86
N LYS A 13 6.79 25.37 22.70
CA LYS A 13 5.66 25.63 23.61
C LYS A 13 4.41 24.92 23.16
N ALA A 14 4.35 24.52 21.89
CA ALA A 14 3.22 23.77 21.37
C ALA A 14 3.22 22.35 21.89
N LEU A 15 4.41 21.82 22.18
CA LEU A 15 4.58 20.47 22.69
C LEU A 15 4.67 20.42 24.23
N GLN A 16 5.20 21.49 24.84
CA GLN A 16 5.43 21.52 26.29
C GLN A 16 6.07 20.19 26.75
N ALA A 17 7.03 19.72 25.95
CA ALA A 17 7.50 18.33 26.00
C ALA A 17 8.26 17.92 27.25
N ASP A 18 8.94 18.86 27.90
CA ASP A 18 9.64 18.60 29.17
C ASP A 18 8.99 19.35 30.34
N VAL A 19 7.70 19.65 30.22
CA VAL A 19 6.93 20.35 31.26
C VAL A 19 6.06 19.37 32.02
N PRO A 20 6.17 19.32 33.36
CA PRO A 20 5.31 18.40 34.11
C PRO A 20 3.82 18.63 33.82
N PRO A 21 3.08 17.54 33.50
CA PRO A 21 1.67 17.55 33.08
C PRO A 21 0.75 18.60 33.73
N GLU A 22 0.87 18.86 35.02
CA GLU A 22 -0.03 19.83 35.68
C GLU A 22 0.52 21.27 35.68
N LYS A 23 1.79 21.44 35.29
CA LYS A 23 2.37 22.77 35.09
C LYS A 23 2.25 23.14 33.60
N ARG A 24 1.28 22.53 32.92
CA ARG A 24 1.13 22.66 31.47
C ARG A 24 0.01 23.63 31.12
N GLU A 25 0.32 24.58 30.25
CA GLU A 25 -0.66 25.59 29.85
C GLU A 25 -1.55 25.06 28.74
N ASN A 26 -2.73 25.66 28.61
CA ASN A 26 -3.71 25.30 27.58
C ASN A 26 -3.30 25.79 26.22
N VAL A 27 -2.35 25.07 25.62
CA VAL A 27 -1.81 25.48 24.35
C VAL A 27 -1.49 24.28 23.48
N GLY A 28 -1.42 24.51 22.18
CA GLY A 28 -1.06 23.49 21.22
C GLY A 28 -1.78 22.20 21.51
N ILE A 29 -1.01 21.12 21.62
CA ILE A 29 -1.56 19.80 21.83
C ILE A 29 -2.46 19.78 23.05
N GLN A 30 -1.98 20.37 24.14
CA GLN A 30 -2.64 20.26 25.42
C GLN A 30 -4.08 20.68 25.25
N ALA A 31 -4.28 21.89 24.75
CA ALA A 31 -5.60 22.36 24.35
C ALA A 31 -6.21 21.28 23.45
N ALA A 32 -5.61 21.04 22.29
CA ALA A 32 -6.12 20.02 21.37
C ALA A 32 -6.73 18.84 22.13
N PHE A 33 -5.94 18.22 23.01
CA PHE A 33 -6.39 17.07 23.81
C PHE A 33 -7.52 17.41 24.77
N LYS A 34 -7.26 18.37 25.65
CA LYS A 34 -8.22 18.72 26.68
C LYS A 34 -9.57 19.19 26.10
N GLU A 35 -9.52 19.83 24.93
CA GLU A 35 -10.75 20.33 24.30
C GLU A 35 -11.51 19.19 23.62
N THR A 36 -10.80 18.37 22.85
CA THR A 36 -11.44 17.27 22.09
C THR A 36 -11.92 16.09 22.94
N PHE A 37 -11.55 16.04 24.22
CA PHE A 37 -11.88 14.91 25.10
C PHE A 37 -12.61 15.19 26.38
N PRO A 38 -13.91 14.87 26.41
CA PRO A 38 -14.18 13.47 26.65
C PRO A 38 -15.14 13.02 25.54
N ILE A 39 -15.09 11.75 25.17
CA ILE A 39 -16.00 11.21 24.16
C ILE A 39 -17.00 10.31 24.85
N GLU A 40 -18.26 10.75 24.89
CA GLU A 40 -19.28 10.00 25.58
C GLU A 40 -20.32 9.44 24.64
N GLU A 41 -20.69 8.22 24.87
CA GLU A 41 -21.87 7.75 24.29
C GLU A 41 -22.70 7.35 25.48
N GLY A 42 -23.70 8.16 25.76
CA GLY A 42 -24.67 7.86 26.75
C GLY A 42 -25.39 6.64 26.30
N ASP A 43 -25.66 6.57 25.03
CA ASP A 43 -26.81 6.71 24.23
C ASP A 43 -27.68 5.60 24.78
N LYS A 44 -27.06 4.49 25.16
CA LYS A 44 -27.77 3.41 25.81
C LYS A 44 -28.27 4.05 27.08
N GLY A 45 -29.46 3.70 27.54
CA GLY A 45 -30.08 4.47 28.58
C GLY A 45 -29.23 4.52 29.81
N LYS A 46 -28.73 3.39 30.23
CA LYS A 46 -27.71 3.38 31.27
C LYS A 46 -26.33 3.24 30.65
N GLY A 47 -25.50 4.24 30.89
CA GLY A 47 -24.08 4.11 30.65
C GLY A 47 -23.59 4.46 29.28
N GLY A 48 -23.32 3.41 28.51
CA GLY A 48 -22.37 3.54 27.42
C GLY A 48 -21.11 3.96 28.14
N LEU A 49 -20.18 4.62 27.46
CA LEU A 49 -18.94 4.96 28.11
C LEU A 49 -18.58 6.43 28.03
N VAL A 50 -17.75 6.86 28.99
CA VAL A 50 -17.05 8.13 28.95
C VAL A 50 -15.56 7.82 28.89
N LEU A 51 -14.89 8.36 27.88
CA LEU A 51 -13.45 8.21 27.71
C LEU A 51 -12.82 9.59 27.95
N ASP A 52 -12.07 9.74 29.03
CA ASP A 52 -11.51 11.05 29.39
C ASP A 52 -9.98 11.07 29.21
N PHE A 53 -9.46 12.27 29.04
CA PHE A 53 -8.03 12.50 28.90
C PHE A 53 -7.47 12.88 30.27
N LEU A 54 -6.32 12.34 30.61
CA LEU A 54 -5.66 12.68 31.87
C LEU A 54 -4.41 13.49 31.58
N GLU A 55 -3.48 12.89 30.84
CA GLU A 55 -2.24 13.55 30.46
C GLU A 55 -1.68 12.97 29.16
N TYR A 56 -0.69 13.65 28.60
CA TYR A 56 0.12 13.09 27.53
C TYR A 56 1.61 13.11 27.87
N ARG A 57 2.30 12.07 27.42
CA ARG A 57 3.73 11.91 27.61
C ARG A 57 4.43 12.06 26.27
N ILE A 58 5.43 12.93 26.19
CA ILE A 58 6.31 12.92 25.04
C ILE A 58 7.56 12.20 25.45
N GLY A 59 7.90 11.14 24.72
CA GLY A 59 9.14 10.46 24.95
C GLY A 59 10.28 11.43 24.73
N ASP A 60 11.48 11.02 25.12
CA ASP A 60 12.67 11.80 24.82
C ASP A 60 13.43 11.14 23.67
N PRO A 61 14.19 11.94 22.90
CA PRO A 61 14.78 11.48 21.65
C PRO A 61 15.81 10.35 21.81
N PRO A 62 15.62 9.24 21.07
CA PRO A 62 16.52 8.09 21.10
C PRO A 62 17.85 8.33 20.39
N PHE A 63 17.83 9.25 19.43
CA PHE A 63 19.03 9.65 18.70
C PHE A 63 19.18 11.17 18.74
N SER A 64 20.41 11.61 18.91
CA SER A 64 20.69 13.05 18.91
C SER A 64 20.74 13.55 17.47
N GLN A 65 20.72 14.87 17.31
CA GLN A 65 20.74 15.50 15.99
C GLN A 65 21.97 15.06 15.19
N ASP A 66 23.11 14.98 15.88
CA ASP A 66 24.36 14.52 15.28
C ASP A 66 24.20 13.11 14.78
N GLU A 67 23.79 12.21 15.67
CA GLU A 67 23.53 10.82 15.32
C GLU A 67 22.56 10.75 14.13
N CYS A 68 21.52 11.58 14.18
CA CYS A 68 20.47 11.61 13.17
C CYS A 68 20.94 12.04 11.78
N ARG A 69 21.86 12.99 11.71
CA ARG A 69 22.39 13.48 10.43
C ARG A 69 23.50 12.61 9.84
N GLU A 70 24.09 11.76 10.69
CA GLU A 70 25.15 10.85 10.27
C GLU A 70 24.57 9.49 9.94
N LYS A 71 23.76 8.99 10.87
CA LYS A 71 23.15 7.67 10.72
C LYS A 71 21.88 7.72 9.86
N ASP A 72 21.57 8.89 9.30
CA ASP A 72 20.41 9.07 8.43
C ASP A 72 19.14 8.54 9.09
N LEU A 73 18.75 9.18 10.18
CA LEU A 73 17.57 8.83 10.93
C LEU A 73 16.71 10.06 11.16
N THR A 74 15.47 9.85 11.58
CA THR A 74 14.54 10.93 11.90
C THR A 74 14.65 11.33 13.38
N TYR A 75 14.57 12.64 13.63
CA TYR A 75 14.76 13.20 14.97
C TYR A 75 13.41 13.43 15.66
N GLN A 76 12.87 12.38 16.26
CA GLN A 76 11.49 12.38 16.76
C GLN A 76 11.30 11.67 18.11
N ALA A 77 10.44 12.24 18.95
CA ALA A 77 10.05 11.62 20.22
C ALA A 77 8.66 10.99 20.07
N PRO A 78 8.42 9.85 20.76
CA PRO A 78 7.13 9.18 20.70
C PRO A 78 6.11 9.87 21.59
N LEU A 79 4.84 9.81 21.18
CA LEU A 79 3.76 10.46 21.90
C LEU A 79 2.78 9.42 22.46
N TYR A 80 2.54 9.48 23.78
CA TYR A 80 1.61 8.59 24.46
C TYR A 80 0.55 9.41 25.17
N ALA A 81 -0.65 8.85 25.30
CA ALA A 81 -1.75 9.50 26.02
C ALA A 81 -2.33 8.58 27.09
N ARG A 82 -2.50 9.10 28.31
CA ARG A 82 -3.08 8.32 29.41
C ARG A 82 -4.59 8.39 29.33
N LEU A 83 -5.22 7.37 28.75
CA LEU A 83 -6.66 7.35 28.57
C LEU A 83 -7.35 6.44 29.58
N GLN A 84 -8.65 6.63 29.72
CA GLN A 84 -9.39 6.09 30.85
C GLN A 84 -10.84 5.87 30.44
N LEU A 85 -11.33 4.64 30.59
CA LEU A 85 -12.69 4.28 30.15
C LEU A 85 -13.62 4.11 31.35
N ILE A 86 -14.61 4.99 31.47
CA ILE A 86 -15.56 4.92 32.58
C ILE A 86 -16.86 4.24 32.17
N HIS A 87 -17.12 3.09 32.77
CA HIS A 87 -18.44 2.49 32.72
C HIS A 87 -19.26 3.13 33.83
N LYS A 88 -20.24 3.93 33.44
CA LYS A 88 -21.12 4.58 34.42
C LYS A 88 -22.25 3.62 34.77
N ASP A 89 -22.50 2.65 33.89
CA ASP A 89 -23.38 1.50 34.15
C ASP A 89 -22.94 0.71 35.39
N THR A 90 -21.64 0.71 35.66
CA THR A 90 -21.05 -0.02 36.79
C THR A 90 -20.23 0.86 37.75
N GLY A 91 -19.57 1.88 37.22
CA GLY A 91 -18.57 2.65 37.95
C GLY A 91 -17.15 2.26 37.55
N LEU A 92 -17.02 1.12 36.88
CA LEU A 92 -15.71 0.54 36.56
C LEU A 92 -14.85 1.49 35.75
N ILE A 93 -13.56 1.56 36.08
CA ILE A 93 -12.61 2.40 35.37
C ILE A 93 -11.52 1.51 34.77
N LYS A 94 -11.00 1.94 33.64
CA LYS A 94 -9.93 1.22 32.96
C LYS A 94 -8.93 2.23 32.40
N GLU A 95 -7.75 2.30 33.02
CA GLU A 95 -6.68 3.18 32.58
C GLU A 95 -5.81 2.50 31.54
N ASP A 96 -5.09 3.31 30.78
CA ASP A 96 -4.21 2.82 29.73
C ASP A 96 -3.37 3.98 29.16
N GLU A 97 -2.07 3.76 29.02
CA GLU A 97 -1.22 4.65 28.24
C GLU A 97 -1.27 4.15 26.80
N VAL A 98 -1.80 4.97 25.90
CA VAL A 98 -2.04 4.58 24.50
C VAL A 98 -1.08 5.30 23.54
N PHE A 99 -0.49 4.54 22.62
CA PHE A 99 0.49 5.09 21.69
C PHE A 99 -0.16 5.86 20.54
N LEU A 100 0.20 7.13 20.39
CA LEU A 100 -0.38 8.02 19.37
C LEU A 100 0.63 8.45 18.28
N GLY A 101 1.79 7.80 18.24
CA GLY A 101 2.74 8.02 17.15
C GLY A 101 3.97 8.84 17.50
N HIS A 102 4.78 9.13 16.48
CA HIS A 102 6.02 9.87 16.66
C HIS A 102 5.92 11.32 16.20
N LEU A 103 6.25 12.24 17.11
CA LEU A 103 6.36 13.66 16.84
C LEU A 103 7.81 14.02 16.50
N PRO A 104 8.04 14.63 15.33
CA PRO A 104 9.33 15.24 15.05
C PRO A 104 9.68 16.34 16.05
N LEU A 105 10.92 16.35 16.52
CA LEU A 105 11.45 17.43 17.34
C LEU A 105 12.15 18.47 16.46
N MET A 106 12.10 19.73 16.90
CA MET A 106 12.69 20.84 16.15
C MET A 106 14.06 21.19 16.72
N THR A 107 15.07 21.10 15.86
CA THR A 107 16.44 21.36 16.22
C THR A 107 16.64 22.87 16.42
N GLU A 108 17.83 23.26 16.85
CA GLU A 108 18.07 24.65 17.28
C GLU A 108 17.85 25.76 16.23
N ASP A 109 17.75 25.39 14.95
CA ASP A 109 17.69 26.40 13.88
C ASP A 109 16.42 26.36 13.03
N GLY A 110 15.37 25.73 13.55
CA GLY A 110 14.09 25.63 12.84
C GLY A 110 13.90 24.31 12.14
N SER A 111 14.99 23.73 11.63
CA SER A 111 14.91 22.52 10.82
C SER A 111 14.48 21.31 11.63
N PHE A 112 13.81 20.39 10.94
CA PHE A 112 13.58 19.04 11.44
C PHE A 112 14.58 18.14 10.73
N ILE A 113 14.93 17.02 11.36
CA ILE A 113 15.75 16.01 10.73
C ILE A 113 14.87 14.80 10.44
N ILE A 114 14.61 14.56 9.16
CA ILE A 114 13.75 13.45 8.74
C ILE A 114 14.54 12.50 7.85
N ASN A 115 14.79 11.29 8.34
CA ASN A 115 15.59 10.28 7.64
C ASN A 115 16.92 10.86 7.16
N GLY A 116 17.62 11.52 8.07
CA GLY A 116 18.93 12.12 7.75
C GLY A 116 18.89 13.51 7.14
N ALA A 117 17.75 13.88 6.56
CA ALA A 117 17.63 15.10 5.78
C ALA A 117 17.17 16.29 6.62
N ASP A 118 17.74 17.46 6.33
CA ASP A 118 17.46 18.68 7.08
C ASP A 118 16.31 19.45 6.42
N ARG A 119 15.10 19.33 7.00
CA ARG A 119 13.89 19.82 6.34
C ARG A 119 13.14 20.88 7.15
N VAL A 120 12.53 21.83 6.44
CA VAL A 120 11.99 23.04 7.05
C VAL A 120 10.53 23.23 6.69
N ILE A 121 9.77 23.73 7.66
CA ILE A 121 8.38 24.07 7.43
C ILE A 121 8.27 25.59 7.41
N VAL A 122 8.25 26.13 6.20
CA VAL A 122 8.18 27.57 5.99
C VAL A 122 6.79 28.07 6.43
N SER A 123 6.76 29.20 7.10
CA SER A 123 5.51 29.82 7.50
C SER A 123 5.30 31.02 6.60
N GLN A 124 4.33 30.95 5.72
CA GLN A 124 4.17 31.91 4.63
C GLN A 124 3.16 33.04 4.69
N GLY A 125 2.50 33.30 5.81
CA GLY A 125 2.99 33.12 7.15
C GLY A 125 1.91 33.74 7.95
N GLY A 126 2.12 34.03 9.21
CA GLY A 126 1.10 34.69 9.98
C GLY A 126 0.43 33.84 11.00
N ARG A 127 0.82 32.60 10.94
CA ARG A 127 0.54 31.53 11.91
C ARG A 127 1.80 30.69 12.01
N THR A 128 2.52 30.81 13.12
CA THR A 128 3.85 30.20 13.26
C THR A 128 3.82 28.68 13.16
N VAL A 129 4.99 28.08 12.95
CA VAL A 129 5.14 26.63 12.80
C VAL A 129 4.52 25.85 13.96
N GLY A 130 4.60 26.40 15.17
CA GLY A 130 4.07 25.75 16.36
C GLY A 130 2.56 25.60 16.33
N GLU A 131 1.88 26.66 15.93
CA GLU A 131 0.40 26.64 15.86
C GLU A 131 -0.10 25.96 14.58
N LEU A 132 0.65 26.09 13.49
CA LEU A 132 0.40 25.31 12.27
C LEU A 132 0.29 23.80 12.54
N MET A 133 1.22 23.26 13.32
CA MET A 133 1.20 21.84 13.72
C MET A 133 0.03 21.54 14.66
N ALA A 134 -0.08 22.34 15.72
CA ALA A 134 -1.16 22.19 16.70
C ALA A 134 -2.54 22.20 16.05
N ASP A 135 -2.73 23.05 15.06
CA ASP A 135 -3.98 23.13 14.29
C ASP A 135 -4.29 21.85 13.56
N GLN A 136 -3.26 21.28 12.95
CA GLN A 136 -3.39 20.05 12.19
C GLN A 136 -3.51 18.86 13.12
N PHE A 137 -2.89 18.96 14.30
CA PHE A 137 -3.04 17.97 15.37
C PHE A 137 -4.51 17.84 15.77
N ARG A 138 -5.17 18.98 15.99
CA ARG A 138 -6.59 19.03 16.34
C ARG A 138 -7.44 18.24 15.36
N VAL A 139 -7.16 18.37 14.07
CA VAL A 139 -7.90 17.69 13.03
C VAL A 139 -7.77 16.18 13.16
N GLY A 140 -6.53 15.70 13.24
CA GLY A 140 -6.25 14.29 13.45
C GLY A 140 -7.06 13.77 14.61
N LEU A 141 -6.86 14.39 15.78
CA LEU A 141 -7.52 14.00 17.03
C LEU A 141 -9.05 13.94 16.85
N ALA A 142 -9.60 15.01 16.27
CA ALA A 142 -11.01 15.05 15.86
C ALA A 142 -11.46 13.81 15.08
N ARG A 143 -10.58 13.29 14.22
CA ARG A 143 -10.84 12.05 13.47
C ARG A 143 -10.70 10.83 14.36
N LEU A 144 -9.63 10.80 15.15
CA LEU A 144 -9.41 9.74 16.12
C LEU A 144 -10.56 9.71 17.14
N ALA A 145 -10.97 10.88 17.61
CA ALA A 145 -12.14 11.01 18.49
C ALA A 145 -13.36 10.32 17.91
N ARG A 146 -13.28 9.99 16.62
CA ARG A 146 -14.40 9.49 15.85
C ARG A 146 -14.42 7.98 15.70
N GLY A 147 -13.23 7.39 15.57
CA GLY A 147 -13.10 5.93 15.57
C GLY A 147 -13.63 5.37 16.86
N VAL A 148 -13.39 6.09 17.95
CA VAL A 148 -13.84 5.69 19.28
C VAL A 148 -15.36 5.74 19.37
N ARG A 149 -15.95 6.88 19.03
CA ARG A 149 -17.40 7.06 19.08
C ARG A 149 -18.11 5.95 18.31
N GLU A 150 -17.51 5.55 17.19
CA GLU A 150 -18.06 4.51 16.34
C GLU A 150 -17.97 3.11 16.98
N ARG A 151 -16.79 2.76 17.49
CA ARG A 151 -16.60 1.46 18.14
C ARG A 151 -17.52 1.28 19.35
N MET A 152 -17.60 2.32 20.18
CA MET A 152 -18.49 2.30 21.34
C MET A 152 -19.89 1.85 20.91
N VAL A 153 -20.36 2.39 19.79
CA VAL A 153 -21.70 2.09 19.28
C VAL A 153 -21.89 0.63 18.86
N MET A 154 -20.86 0.04 18.27
CA MET A 154 -20.99 -1.29 17.67
C MET A 154 -20.06 -2.34 18.29
N GLY A 155 -19.71 -2.16 19.55
CA GLY A 155 -18.97 -3.16 20.30
C GLY A 155 -19.75 -3.46 21.56
N SER A 156 -19.36 -4.52 22.26
CA SER A 156 -19.95 -4.79 23.57
C SER A 156 -19.15 -3.98 24.60
N PRO A 157 -19.81 -3.01 25.26
CA PRO A 157 -19.15 -2.13 26.24
C PRO A 157 -18.20 -2.89 27.17
N ASP A 158 -18.62 -4.08 27.58
CA ASP A 158 -17.89 -4.88 28.57
C ASP A 158 -16.49 -5.31 28.09
N THR A 159 -16.38 -5.66 26.81
CA THR A 159 -15.10 -6.01 26.20
C THR A 159 -14.32 -4.81 25.66
N LEU A 160 -14.90 -3.61 25.73
CA LEU A 160 -14.20 -2.41 25.25
C LEU A 160 -13.24 -1.84 26.30
N THR A 161 -12.18 -1.21 25.81
CA THR A 161 -11.10 -0.68 26.64
C THR A 161 -10.40 0.42 25.84
N PRO A 162 -9.79 1.42 26.53
CA PRO A 162 -9.20 2.57 25.83
C PRO A 162 -8.37 2.21 24.59
N ALA A 163 -7.49 1.21 24.71
CA ALA A 163 -6.63 0.80 23.60
C ALA A 163 -7.39 0.28 22.37
N LYS A 164 -8.52 -0.39 22.59
CA LYS A 164 -9.34 -0.92 21.50
C LYS A 164 -10.14 0.17 20.77
N LEU A 165 -10.64 1.15 21.52
CA LEU A 165 -11.38 2.25 20.94
C LEU A 165 -10.48 3.13 20.09
N VAL A 166 -9.26 3.33 20.57
CA VAL A 166 -8.31 4.25 19.95
C VAL A 166 -7.57 3.64 18.77
N ASN A 167 -7.70 4.30 17.63
CA ASN A 167 -6.91 4.04 16.43
C ASN A 167 -6.14 5.31 16.14
N SER A 168 -4.82 5.20 16.05
CA SER A 168 -3.98 6.37 15.86
C SER A 168 -3.88 6.79 14.39
N ARG A 169 -4.17 5.86 13.49
CA ARG A 169 -3.95 6.09 12.06
C ARG A 169 -4.39 7.46 11.57
N PRO A 170 -5.60 7.91 11.96
CA PRO A 170 -6.09 9.20 11.49
C PRO A 170 -5.27 10.38 12.01
N LEU A 171 -4.77 10.27 13.23
CA LEU A 171 -3.89 11.28 13.82
C LEU A 171 -2.58 11.34 13.05
N GLU A 172 -2.05 10.17 12.72
CA GLU A 172 -0.76 10.05 12.06
C GLU A 172 -0.85 10.53 10.62
N ALA A 173 -1.85 10.02 9.90
CA ALA A 173 -2.13 10.47 8.53
C ALA A 173 -2.10 12.00 8.45
N ALA A 174 -2.75 12.64 9.43
CA ALA A 174 -2.80 14.10 9.53
C ALA A 174 -1.41 14.72 9.78
N LEU A 175 -0.57 14.03 10.55
CA LEU A 175 0.78 14.51 10.82
C LEU A 175 1.68 14.28 9.62
N ARG A 176 1.73 13.04 9.16
CA ARG A 176 2.47 12.68 7.95
C ARG A 176 2.28 13.77 6.89
N GLU A 177 1.02 14.11 6.60
CA GLU A 177 0.73 15.16 5.60
C GLU A 177 1.31 16.54 5.93
N PHE A 178 1.33 16.92 7.22
CA PHE A 178 1.91 18.20 7.63
C PHE A 178 3.42 18.20 7.46
N PHE A 179 4.07 17.19 8.02
CA PHE A 179 5.51 17.06 7.89
C PHE A 179 5.91 16.44 6.56
N SER A 180 4.96 15.88 5.82
CA SER A 180 5.24 15.28 4.51
C SER A 180 5.69 16.33 3.52
N ARG A 181 4.96 17.44 3.46
CA ARG A 181 5.26 18.51 2.51
C ARG A 181 6.23 19.55 3.11
N SER A 182 7.03 19.14 4.08
CA SER A 182 8.15 19.95 4.53
C SER A 182 9.20 19.91 3.43
N GLN A 183 10.05 20.94 3.37
CA GLN A 183 11.03 21.07 2.28
C GLN A 183 12.45 20.90 2.80
N LEU A 184 13.40 20.69 1.89
CA LEU A 184 14.79 20.46 2.23
C LEU A 184 15.46 21.82 2.44
N SER A 185 16.43 21.88 3.36
CA SER A 185 17.08 23.17 3.70
C SER A 185 18.30 23.48 2.82
N GLN A 186 18.55 24.78 2.69
CA GLN A 186 19.77 25.29 2.09
C GLN A 186 20.31 26.37 3.01
N PHE A 187 21.27 25.98 3.86
CA PHE A 187 21.75 26.83 4.95
C PHE A 187 22.91 27.72 4.51
N PRO B 2 26.51 -11.18 41.58
CA PRO B 2 26.25 -12.61 41.46
C PRO B 2 25.16 -12.89 40.42
N LEU B 3 24.14 -13.70 40.73
CA LEU B 3 23.16 -14.09 39.72
C LEU B 3 22.64 -12.88 38.95
N THR B 4 22.14 -11.90 39.68
CA THR B 4 21.56 -10.71 39.08
C THR B 4 22.57 -9.93 38.24
N GLU B 5 23.68 -9.53 38.86
CA GLU B 5 24.72 -8.80 38.14
C GLU B 5 25.13 -9.57 36.90
N ILE B 6 25.33 -10.87 37.06
CA ILE B 6 25.66 -11.78 35.97
C ILE B 6 24.68 -11.62 34.80
N GLN B 7 23.39 -11.61 35.13
CA GLN B 7 22.35 -11.51 34.13
C GLN B 7 22.35 -10.11 33.49
N VAL B 8 22.39 -9.08 34.33
CA VAL B 8 22.47 -7.70 33.83
C VAL B 8 23.59 -7.54 32.81
N GLU B 9 24.79 -8.05 33.14
CA GLU B 9 25.93 -7.96 32.23
C GLU B 9 25.75 -8.82 30.99
N SER B 10 25.06 -9.94 31.14
CA SER B 10 24.69 -10.80 30.01
C SER B 10 23.83 -10.11 28.97
N TYR B 11 22.83 -9.36 29.44
CA TYR B 11 21.85 -8.72 28.56
C TYR B 11 22.45 -7.48 27.91
N LYS B 12 23.15 -6.70 28.71
CA LYS B 12 23.92 -5.58 28.19
C LYS B 12 24.78 -6.07 27.03
N LYS B 13 25.58 -7.08 27.31
CA LYS B 13 26.51 -7.63 26.34
C LYS B 13 25.79 -8.15 25.09
N ALA B 14 24.59 -8.68 25.27
CA ALA B 14 23.79 -9.21 24.16
C ALA B 14 23.45 -8.12 23.15
N LEU B 15 23.23 -6.91 23.64
CA LEU B 15 22.76 -5.82 22.79
C LEU B 15 23.89 -4.95 22.26
N GLN B 16 24.94 -4.76 23.05
CA GLN B 16 26.09 -3.91 22.66
C GLN B 16 25.68 -2.50 22.25
N ALA B 17 24.74 -1.93 23.01
CA ALA B 17 24.05 -0.67 22.64
C ALA B 17 24.93 0.57 22.67
N ASP B 18 25.81 0.66 23.66
CA ASP B 18 26.66 1.84 23.85
C ASP B 18 28.10 1.62 23.38
N VAL B 19 28.33 0.60 22.57
CA VAL B 19 29.62 0.34 21.95
C VAL B 19 29.47 0.50 20.44
N PRO B 20 30.21 1.45 19.83
CA PRO B 20 30.02 1.75 18.39
C PRO B 20 30.22 0.52 17.50
N PRO B 21 29.53 0.48 16.34
CA PRO B 21 29.53 -0.69 15.46
C PRO B 21 30.91 -1.26 15.15
N GLU B 22 31.81 -0.42 14.65
CA GLU B 22 33.16 -0.87 14.27
C GLU B 22 33.88 -1.63 15.40
N LYS B 23 33.58 -1.26 16.65
CA LYS B 23 34.19 -1.92 17.82
C LYS B 23 33.44 -3.17 18.30
N ARG B 24 32.20 -3.37 17.87
CA ARG B 24 31.36 -4.44 18.40
C ARG B 24 31.88 -5.84 18.05
N GLU B 25 32.00 -6.69 19.07
CA GLU B 25 32.27 -8.10 18.86
C GLU B 25 31.08 -8.84 18.25
N ASN B 26 31.35 -9.96 17.60
CA ASN B 26 30.30 -10.93 17.36
C ASN B 26 29.81 -11.34 18.74
N VAL B 27 28.55 -11.07 19.02
CA VAL B 27 27.93 -11.49 20.26
C VAL B 27 26.47 -11.68 19.91
N GLY B 28 25.63 -12.01 20.89
CA GLY B 28 24.21 -12.26 20.66
C GLY B 28 23.59 -11.59 19.46
N ILE B 29 23.15 -10.35 19.64
CA ILE B 29 22.38 -9.65 18.60
C ILE B 29 23.16 -9.41 17.33
N GLN B 30 24.42 -9.02 17.48
CA GLN B 30 25.29 -8.70 16.35
C GLN B 30 25.61 -9.96 15.57
N ALA B 31 26.15 -10.96 16.27
CA ALA B 31 26.45 -12.25 15.65
C ALA B 31 25.20 -12.86 15.06
N ALA B 32 24.05 -12.56 15.65
CA ALA B 32 22.76 -12.95 15.11
C ALA B 32 22.53 -12.34 13.74
N PHE B 33 22.87 -11.06 13.58
CA PHE B 33 22.69 -10.38 12.29
C PHE B 33 23.60 -11.01 11.26
N LYS B 34 24.90 -10.98 11.56
CA LYS B 34 25.93 -11.55 10.69
C LYS B 34 25.65 -12.99 10.25
N GLU B 35 25.04 -13.79 11.13
CA GLU B 35 24.66 -15.16 10.79
C GLU B 35 23.50 -15.20 9.79
N THR B 36 22.62 -14.22 9.87
CA THR B 36 21.41 -14.22 9.05
C THR B 36 21.57 -13.49 7.72
N PHE B 37 22.57 -12.61 7.60
CA PHE B 37 22.39 -11.45 6.73
C PHE B 37 23.45 -11.08 5.68
N PRO B 38 23.90 -12.05 4.89
CA PRO B 38 23.87 -11.68 3.48
C PRO B 38 22.87 -12.59 2.81
N ILE B 39 21.74 -12.02 2.39
CA ILE B 39 20.65 -12.82 1.84
C ILE B 39 20.64 -12.68 0.32
N GLU B 40 20.86 -13.80 -0.36
CA GLU B 40 20.92 -13.86 -1.82
C GLU B 40 19.88 -14.78 -2.42
N GLU B 41 19.24 -14.31 -3.49
CA GLU B 41 18.59 -15.17 -4.46
C GLU B 41 18.75 -14.63 -5.86
N GLY B 42 18.63 -15.53 -6.83
CA GLY B 42 18.69 -15.19 -8.25
C GLY B 42 18.05 -16.25 -9.11
N GLY B 47 18.07 -10.80 -12.99
CA GLY B 47 19.16 -10.46 -12.08
C GLY B 47 18.90 -10.90 -10.66
N GLY B 48 19.96 -11.33 -9.98
CA GLY B 48 19.89 -11.70 -8.57
C GLY B 48 20.00 -10.45 -7.73
N LEU B 49 19.42 -10.50 -6.53
CA LEU B 49 19.50 -9.40 -5.58
C LEU B 49 20.14 -9.91 -4.29
N VAL B 50 21.10 -9.17 -3.76
CA VAL B 50 21.72 -9.47 -2.48
C VAL B 50 21.35 -8.38 -1.48
N LEU B 51 20.69 -8.75 -0.38
CA LEU B 51 20.38 -7.79 0.69
C LEU B 51 21.33 -7.98 1.85
N ASP B 52 22.05 -6.92 2.19
CA ASP B 52 23.22 -6.99 3.05
C ASP B 52 23.02 -6.15 4.31
N PHE B 53 23.65 -6.58 5.39
CA PHE B 53 23.66 -5.85 6.66
C PHE B 53 24.94 -5.04 6.78
N LEU B 54 24.84 -3.85 7.37
CA LEU B 54 26.02 -3.03 7.68
C LEU B 54 26.13 -2.75 9.17
N GLU B 55 25.08 -2.18 9.76
CA GLU B 55 25.06 -1.83 11.19
C GLU B 55 23.65 -1.87 11.73
N TYR B 56 23.53 -1.94 13.05
CA TYR B 56 22.26 -1.72 13.71
C TYR B 56 22.42 -0.61 14.74
N ARG B 57 21.33 0.06 15.02
CA ARG B 57 21.28 1.12 16.00
C ARG B 57 20.28 0.68 17.04
N ILE B 58 20.58 0.91 18.31
CA ILE B 58 19.56 0.87 19.34
C ILE B 58 19.63 2.19 20.10
N GLY B 59 18.51 2.90 20.08
CA GLY B 59 18.48 4.27 20.54
C GLY B 59 18.59 4.36 22.05
N ASP B 60 18.72 5.59 22.54
CA ASP B 60 18.56 5.86 23.95
C ASP B 60 17.08 5.66 24.28
N PRO B 61 16.76 5.29 25.52
CA PRO B 61 15.38 5.05 25.92
C PRO B 61 14.58 6.34 26.04
N PRO B 62 13.34 6.36 25.50
CA PRO B 62 12.55 7.58 25.49
C PRO B 62 12.13 8.00 26.89
N PHE B 63 11.71 7.04 27.70
CA PHE B 63 11.32 7.29 29.08
C PHE B 63 12.29 6.57 30.01
N SER B 64 12.75 7.27 31.05
CA SER B 64 13.65 6.68 32.03
C SER B 64 12.90 5.74 32.98
N GLN B 65 13.63 4.83 33.61
CA GLN B 65 13.05 3.84 34.51
C GLN B 65 12.07 4.43 35.50
N ASP B 66 12.49 5.52 36.14
CA ASP B 66 11.63 6.22 37.08
C ASP B 66 10.33 6.59 36.39
N GLU B 67 10.43 7.34 35.29
CA GLU B 67 9.26 7.74 34.52
C GLU B 67 8.36 6.56 34.14
N CYS B 68 8.95 5.43 33.75
CA CYS B 68 8.16 4.29 33.28
C CYS B 68 7.31 3.65 34.36
N ARG B 69 7.89 3.45 35.54
CA ARG B 69 7.14 2.95 36.68
C ARG B 69 6.16 3.99 37.16
N GLU B 70 6.56 5.26 37.03
CA GLU B 70 5.71 6.36 37.45
C GLU B 70 4.49 6.51 36.54
N LYS B 71 4.72 6.43 35.22
CA LYS B 71 3.69 6.69 34.21
C LYS B 71 3.09 5.43 33.56
N ASP B 72 3.45 4.24 34.03
CA ASP B 72 2.98 2.97 33.43
C ASP B 72 3.31 2.87 31.93
N LEU B 73 4.58 3.08 31.61
CA LEU B 73 5.08 3.04 30.25
C LEU B 73 6.03 1.85 30.12
N THR B 74 6.62 1.66 28.94
CA THR B 74 7.56 0.56 28.69
C THR B 74 8.99 1.07 28.50
N TYR B 75 9.91 0.49 29.25
CA TYR B 75 11.30 0.92 29.23
C TYR B 75 12.03 0.21 28.11
N GLN B 76 12.13 0.87 26.96
CA GLN B 76 12.66 0.26 25.75
C GLN B 76 13.36 1.25 24.85
N ALA B 77 14.13 0.71 23.91
CA ALA B 77 14.89 1.51 22.96
C ALA B 77 14.58 1.01 21.54
N PRO B 78 14.42 1.93 20.58
CA PRO B 78 14.12 1.53 19.20
C PRO B 78 15.34 0.90 18.54
N LEU B 79 15.12 -0.15 17.74
CA LEU B 79 16.20 -0.86 17.03
C LEU B 79 16.09 -0.72 15.50
N TYR B 80 17.01 0.03 14.90
CA TYR B 80 17.12 0.14 13.44
C TYR B 80 18.24 -0.75 12.91
N ALA B 81 18.17 -1.08 11.63
CA ALA B 81 19.25 -1.80 10.94
C ALA B 81 19.59 -1.07 9.66
N ARG B 82 20.89 -0.91 9.40
CA ARG B 82 21.36 -0.31 8.16
C ARG B 82 21.50 -1.41 7.12
N LEU B 83 20.52 -1.50 6.23
CA LEU B 83 20.48 -2.53 5.21
C LEU B 83 20.61 -1.93 3.82
N GLN B 84 20.99 -2.79 2.86
CA GLN B 84 21.45 -2.33 1.55
C GLN B 84 21.11 -3.33 0.45
N LEU B 85 20.14 -2.98 -0.40
CA LEU B 85 19.77 -3.81 -1.54
C LEU B 85 20.74 -3.57 -2.71
N ILE B 86 21.41 -4.63 -3.15
CA ILE B 86 22.36 -4.54 -4.25
C ILE B 86 21.86 -5.32 -5.46
N HIS B 87 21.84 -4.65 -6.61
CA HIS B 87 21.53 -5.30 -7.88
C HIS B 87 22.82 -5.84 -8.45
N LYS B 88 22.89 -7.17 -8.57
CA LYS B 88 24.12 -7.82 -9.03
C LYS B 88 24.40 -7.49 -10.49
N ASP B 89 23.36 -7.55 -11.32
CA ASP B 89 23.48 -7.28 -12.76
C ASP B 89 23.89 -5.82 -13.04
N THR B 90 23.29 -4.89 -12.30
CA THR B 90 23.51 -3.46 -12.51
C THR B 90 24.70 -2.94 -11.70
N GLY B 91 24.76 -3.29 -10.42
CA GLY B 91 25.74 -2.71 -9.48
C GLY B 91 25.13 -1.61 -8.62
N LEU B 92 23.83 -1.36 -8.84
CA LEU B 92 23.07 -0.36 -8.08
C LEU B 92 22.95 -0.76 -6.62
N ILE B 93 22.99 0.24 -5.74
CA ILE B 93 22.88 0.02 -4.30
C ILE B 93 21.78 0.94 -3.79
N LYS B 94 20.87 0.40 -2.98
CA LYS B 94 19.84 1.20 -2.30
C LYS B 94 19.90 1.00 -0.80
N GLU B 95 20.37 2.03 -0.09
CA GLU B 95 20.58 1.95 1.34
C GLU B 95 19.38 2.52 2.05
N ASP B 96 19.01 1.93 3.19
CA ASP B 96 17.84 2.36 3.96
C ASP B 96 18.00 1.97 5.41
N GLU B 97 17.69 2.89 6.31
CA GLU B 97 17.61 2.57 7.75
C GLU B 97 16.27 1.91 8.02
N VAL B 98 16.29 0.60 8.26
CA VAL B 98 15.06 -0.17 8.46
C VAL B 98 14.75 -0.36 9.95
N PHE B 99 13.60 0.16 10.36
CA PHE B 99 13.07 -0.04 11.71
C PHE B 99 12.69 -1.49 11.93
N LEU B 100 13.17 -2.08 13.02
CA LEU B 100 12.89 -3.46 13.35
C LEU B 100 12.15 -3.61 14.69
N GLY B 101 11.72 -2.51 15.30
CA GLY B 101 10.91 -2.57 16.52
C GLY B 101 11.55 -1.96 17.75
N HIS B 102 11.09 -2.40 18.93
CA HIS B 102 11.58 -1.92 20.22
C HIS B 102 12.14 -3.06 21.04
N LEU B 103 13.32 -2.85 21.59
CA LEU B 103 13.92 -3.80 22.54
C LEU B 103 13.74 -3.28 23.96
N PRO B 104 13.15 -4.11 24.85
CA PRO B 104 13.14 -3.75 26.26
C PRO B 104 14.54 -3.71 26.82
N LEU B 105 14.81 -2.78 27.72
CA LEU B 105 16.07 -2.73 28.41
C LEU B 105 15.89 -3.30 29.81
N MET B 106 16.95 -3.92 30.33
CA MET B 106 16.97 -4.49 31.67
C MET B 106 17.52 -3.47 32.66
N THR B 107 17.25 -3.71 33.93
CA THR B 107 17.60 -2.81 35.01
C THR B 107 18.71 -3.40 35.89
N GLU B 108 19.39 -2.52 36.64
CA GLU B 108 20.42 -2.91 37.60
C GLU B 108 19.86 -3.82 38.71
N ASP B 109 18.53 -3.86 38.80
CA ASP B 109 17.78 -4.85 39.56
C ASP B 109 17.77 -6.22 38.89
N GLY B 110 17.88 -6.23 37.55
CA GLY B 110 17.75 -7.45 36.76
C GLY B 110 16.36 -7.61 36.14
N SER B 111 15.53 -6.59 36.33
CA SER B 111 14.14 -6.62 35.92
C SER B 111 13.91 -5.77 34.68
N PHE B 112 12.81 -6.07 33.99
CA PHE B 112 12.30 -5.24 32.91
C PHE B 112 11.09 -4.48 33.43
N ILE B 113 10.90 -3.25 32.97
CA ILE B 113 9.68 -2.48 33.25
C ILE B 113 8.81 -2.52 32.00
N ILE B 114 7.64 -3.14 32.13
CA ILE B 114 6.68 -3.24 31.02
C ILE B 114 5.35 -2.65 31.46
N ASN B 115 4.86 -1.68 30.70
CA ASN B 115 3.67 -0.93 31.09
C ASN B 115 3.61 -0.69 32.59
N GLY B 116 4.71 -0.20 33.17
CA GLY B 116 4.80 0.09 34.60
C GLY B 116 5.15 -1.09 35.48
N ALA B 117 4.76 -2.29 35.06
CA ALA B 117 4.96 -3.51 35.86
C ALA B 117 6.37 -4.07 35.70
N ASP B 118 7.16 -4.02 36.78
CA ASP B 118 8.47 -4.65 36.78
C ASP B 118 8.32 -6.16 36.60
N ARG B 119 9.17 -6.71 35.74
CA ARG B 119 9.02 -8.08 35.28
C ARG B 119 10.36 -8.71 34.95
N VAL B 120 10.50 -9.99 35.31
CA VAL B 120 11.77 -10.68 35.20
C VAL B 120 11.61 -11.97 34.39
N ILE B 121 12.64 -12.29 33.61
CA ILE B 121 12.68 -13.56 32.91
C ILE B 121 13.60 -14.47 33.70
N VAL B 122 13.11 -15.67 33.99
CA VAL B 122 13.80 -16.59 34.84
C VAL B 122 14.45 -17.73 34.04
N SER B 123 15.75 -17.88 34.16
CA SER B 123 16.37 -18.94 33.46
C SER B 123 16.30 -20.20 34.29
N GLN B 124 15.75 -21.22 33.70
CA GLN B 124 15.51 -22.46 34.36
C GLN B 124 16.71 -23.28 34.09
N GLY B 125 17.62 -22.53 33.52
CA GLY B 125 19.04 -22.54 33.67
C GLY B 125 19.97 -23.16 32.74
N GLY B 126 21.14 -22.57 32.78
CA GLY B 126 22.24 -22.84 31.92
C GLY B 126 22.48 -21.75 30.93
N ARG B 127 21.44 -21.09 30.43
CA ARG B 127 21.64 -19.99 29.55
C ARG B 127 21.12 -18.74 30.21
N THR B 128 21.96 -17.73 30.31
CA THR B 128 21.55 -16.44 30.84
C THR B 128 20.43 -15.83 30.02
N VAL B 129 19.86 -14.72 30.53
CA VAL B 129 18.80 -13.99 29.86
C VAL B 129 19.27 -13.44 28.50
N GLY B 130 20.50 -12.93 28.48
CA GLY B 130 21.11 -12.43 27.26
C GLY B 130 21.23 -13.46 26.15
N GLU B 131 21.65 -14.67 26.47
CA GLU B 131 21.71 -15.73 25.46
C GLU B 131 20.28 -16.10 25.06
N LEU B 132 19.42 -16.33 26.06
CA LEU B 132 17.99 -16.60 25.84
C LEU B 132 17.37 -15.64 24.83
N MET B 133 17.56 -14.35 25.06
CA MET B 133 17.01 -13.32 24.17
C MET B 133 17.71 -13.31 22.82
N ALA B 134 19.04 -13.31 22.83
CA ALA B 134 19.81 -13.43 21.60
C ALA B 134 19.30 -14.62 20.79
N ASP B 135 19.17 -15.77 21.46
CA ASP B 135 18.66 -17.00 20.86
C ASP B 135 17.28 -16.78 20.20
N GLN B 136 16.37 -16.15 20.92
CA GLN B 136 15.00 -15.96 20.43
C GLN B 136 14.92 -15.04 19.21
N PHE B 137 15.87 -14.11 19.15
CA PHE B 137 16.01 -13.12 18.08
C PHE B 137 16.30 -13.78 16.74
N ARG B 138 17.24 -14.72 16.74
CA ARG B 138 17.60 -15.47 15.53
C ARG B 138 16.39 -16.18 14.95
N VAL B 139 15.54 -16.72 15.82
CA VAL B 139 14.27 -17.32 15.36
C VAL B 139 13.39 -16.23 14.72
N GLY B 140 13.40 -15.03 15.29
CA GLY B 140 12.69 -13.88 14.70
C GLY B 140 13.32 -13.37 13.42
N LEU B 141 14.65 -13.40 13.35
CA LEU B 141 15.42 -12.89 12.21
C LEU B 141 15.38 -13.88 11.04
N ALA B 142 15.42 -15.16 11.35
CA ALA B 142 15.34 -16.22 10.35
C ALA B 142 13.96 -16.29 9.69
N ARG B 143 12.90 -15.99 10.43
CA ARG B 143 11.54 -15.91 9.85
C ARG B 143 11.44 -14.75 8.87
N LEU B 144 12.00 -13.61 9.28
CA LEU B 144 12.00 -12.39 8.46
C LEU B 144 12.75 -12.59 7.15
N ALA B 145 13.84 -13.35 7.20
CA ALA B 145 14.65 -13.64 6.02
C ALA B 145 13.84 -14.36 4.94
N ARG B 146 12.89 -15.20 5.36
CA ARG B 146 11.96 -15.81 4.40
C ARG B 146 11.12 -14.73 3.75
N GLY B 147 10.53 -13.88 4.58
CA GLY B 147 9.74 -12.75 4.11
C GLY B 147 10.44 -11.90 3.07
N VAL B 148 11.71 -11.57 3.30
CA VAL B 148 12.47 -10.81 2.28
C VAL B 148 12.67 -11.67 1.05
N ARG B 149 13.22 -12.85 1.28
CA ARG B 149 13.47 -13.86 0.27
C ARG B 149 12.25 -14.15 -0.62
N GLU B 150 11.12 -14.41 0.03
CA GLU B 150 9.88 -14.77 -0.68
C GLU B 150 9.38 -13.66 -1.60
N ARG B 151 9.73 -12.42 -1.28
CA ARG B 151 9.27 -11.25 -2.03
C ARG B 151 10.28 -10.76 -3.07
N MET B 152 11.52 -11.25 -2.97
CA MET B 152 12.48 -11.15 -4.07
C MET B 152 12.08 -12.08 -5.22
N VAL B 153 11.03 -12.88 -5.00
CA VAL B 153 10.48 -13.77 -6.01
C VAL B 153 9.15 -13.23 -6.55
N MET B 154 8.20 -12.97 -5.67
CA MET B 154 6.86 -12.49 -6.05
C MET B 154 6.87 -11.09 -6.66
N GLY B 155 7.69 -10.21 -6.10
CA GLY B 155 7.74 -8.81 -6.54
C GLY B 155 8.44 -8.60 -7.86
N SER B 156 8.41 -7.36 -8.33
CA SER B 156 9.16 -6.93 -9.51
C SER B 156 10.43 -6.20 -9.04
N PRO B 157 11.60 -6.88 -9.11
CA PRO B 157 12.89 -6.39 -8.62
C PRO B 157 13.15 -4.88 -8.81
N ASP B 158 12.71 -4.36 -9.96
CA ASP B 158 12.97 -2.97 -10.36
C ASP B 158 12.52 -1.94 -9.33
N THR B 159 11.44 -2.27 -8.61
CA THR B 159 10.90 -1.39 -7.57
C THR B 159 11.18 -1.91 -6.14
N LEU B 160 11.86 -3.05 -6.04
CA LEU B 160 12.13 -3.68 -4.72
C LEU B 160 13.21 -2.93 -3.95
N THR B 161 12.92 -2.62 -2.69
CA THR B 161 13.86 -1.90 -1.81
C THR B 161 13.93 -2.60 -0.45
N PRO B 162 14.96 -2.29 0.35
CA PRO B 162 15.07 -2.98 1.64
C PRO B 162 13.84 -2.77 2.53
N ALA B 163 13.30 -1.55 2.57
CA ALA B 163 12.09 -1.27 3.36
C ALA B 163 10.96 -2.22 2.97
N LYS B 164 10.61 -2.23 1.69
CA LYS B 164 9.54 -3.08 1.18
C LYS B 164 9.80 -4.56 1.43
N LEU B 165 11.02 -5.03 1.18
CA LEU B 165 11.35 -6.46 1.31
C LEU B 165 11.24 -6.95 2.76
N VAL B 166 11.58 -6.09 3.71
CA VAL B 166 11.60 -6.45 5.11
C VAL B 166 10.27 -6.11 5.78
N ASN B 167 9.60 -7.14 6.32
CA ASN B 167 8.48 -6.94 7.24
C ASN B 167 8.95 -7.30 8.65
N SER B 168 8.75 -6.40 9.60
CA SER B 168 9.30 -6.56 10.94
C SER B 168 8.38 -7.37 11.87
N ARG B 169 7.18 -7.71 11.41
CA ARG B 169 6.20 -8.45 12.24
C ARG B 169 6.75 -9.72 12.90
N PRO B 170 7.37 -10.62 12.10
CA PRO B 170 7.82 -11.90 12.64
C PRO B 170 8.81 -11.74 13.79
N LEU B 171 9.81 -10.88 13.60
CA LEU B 171 10.77 -10.60 14.67
C LEU B 171 9.99 -10.08 15.87
N GLU B 172 9.24 -9.01 15.65
CA GLU B 172 8.43 -8.37 16.69
C GLU B 172 7.55 -9.39 17.42
N ALA B 173 6.90 -10.25 16.66
CA ALA B 173 6.00 -11.26 17.23
C ALA B 173 6.76 -12.28 18.07
N ALA B 174 7.92 -12.71 17.57
CA ALA B 174 8.78 -13.61 18.33
C ALA B 174 9.29 -12.92 19.60
N LEU B 175 9.68 -11.65 19.48
CA LEU B 175 10.13 -10.86 20.61
C LEU B 175 9.03 -10.59 21.63
N ARG B 176 7.79 -10.58 21.16
CA ARG B 176 6.66 -10.37 22.06
C ARG B 176 6.37 -11.61 22.90
N GLU B 177 6.41 -12.78 22.27
CA GLU B 177 6.22 -14.02 23.02
C GLU B 177 7.26 -14.16 24.11
N PHE B 178 8.51 -13.83 23.79
CA PHE B 178 9.60 -13.92 24.75
C PHE B 178 9.24 -13.14 26.01
N PHE B 179 9.02 -11.84 25.86
CA PHE B 179 8.72 -11.00 27.02
C PHE B 179 7.30 -11.19 27.56
N SER B 180 6.35 -11.51 26.68
CA SER B 180 4.96 -11.77 27.10
C SER B 180 4.97 -12.74 28.25
N ARG B 181 5.71 -13.82 28.06
CA ARG B 181 6.04 -14.69 29.17
C ARG B 181 7.14 -14.04 29.95
N SER B 182 6.80 -13.64 31.14
CA SER B 182 7.77 -13.16 32.08
C SER B 182 6.97 -13.34 33.36
N GLN B 183 7.44 -12.79 34.44
CA GLN B 183 6.82 -13.04 35.71
C GLN B 183 6.95 -11.76 36.51
N LEU B 184 5.88 -11.37 37.21
CA LEU B 184 5.94 -10.17 38.03
C LEU B 184 6.93 -10.47 39.13
N SER B 185 8.00 -9.69 39.22
CA SER B 185 9.11 -10.02 40.11
C SER B 185 8.65 -10.19 41.56
N PRO C 2 -34.47 18.62 -18.32
CA PRO C 2 -34.12 17.91 -17.10
C PRO C 2 -32.61 17.92 -16.81
N LEU C 3 -32.27 17.95 -15.52
CA LEU C 3 -30.88 18.01 -15.06
C LEU C 3 -30.13 16.74 -15.44
N THR C 4 -30.64 15.60 -14.99
CA THR C 4 -30.03 14.29 -15.26
C THR C 4 -29.71 14.09 -16.74
N GLU C 5 -30.66 14.45 -17.61
CA GLU C 5 -30.53 14.20 -19.05
C GLU C 5 -29.38 15.05 -19.62
N ILE C 6 -29.35 16.33 -19.22
CA ILE C 6 -28.25 17.23 -19.57
C ILE C 6 -26.91 16.68 -19.10
N GLN C 7 -26.84 16.32 -17.83
CA GLN C 7 -25.58 15.89 -17.22
C GLN C 7 -25.05 14.62 -17.88
N VAL C 8 -25.97 13.80 -18.39
CA VAL C 8 -25.61 12.66 -19.24
C VAL C 8 -25.00 13.16 -20.54
N GLU C 9 -25.69 14.08 -21.22
CA GLU C 9 -25.20 14.67 -22.48
C GLU C 9 -23.80 15.26 -22.32
N SER C 10 -23.57 15.87 -21.16
CA SER C 10 -22.33 16.58 -20.88
C SER C 10 -21.14 15.64 -20.67
N TYR C 11 -21.38 14.53 -19.98
CA TYR C 11 -20.35 13.51 -19.78
C TYR C 11 -20.00 12.82 -21.08
N LYS C 12 -21.01 12.59 -21.90
CA LYS C 12 -20.83 12.00 -23.22
C LYS C 12 -20.00 12.90 -24.13
N LYS C 13 -20.26 14.20 -24.06
CA LYS C 13 -19.47 15.20 -24.81
C LYS C 13 -18.02 15.18 -24.39
N ALA C 14 -17.78 15.01 -23.10
CA ALA C 14 -16.43 15.02 -22.55
C ALA C 14 -15.56 13.96 -23.21
N LEU C 15 -16.10 12.75 -23.34
CA LEU C 15 -15.36 11.59 -23.81
C LEU C 15 -15.36 11.45 -25.34
N GLN C 16 -16.38 12.01 -25.99
CA GLN C 16 -16.51 11.86 -27.45
C GLN C 16 -16.08 10.45 -27.86
N ALA C 17 -16.71 9.45 -27.29
CA ALA C 17 -16.31 8.06 -27.50
C ALA C 17 -16.71 7.52 -28.88
N ASP C 18 -17.93 7.83 -29.31
CA ASP C 18 -18.49 7.25 -30.54
C ASP C 18 -18.29 8.11 -31.78
N VAL C 19 -17.34 9.06 -31.72
CA VAL C 19 -17.03 9.93 -32.85
C VAL C 19 -15.60 9.67 -33.33
N PRO C 20 -15.40 9.66 -34.66
CA PRO C 20 -14.06 9.48 -35.22
C PRO C 20 -13.13 10.64 -34.85
N PRO C 21 -11.87 10.33 -34.48
CA PRO C 21 -10.84 11.33 -34.20
C PRO C 21 -10.83 12.50 -35.19
N GLU C 22 -11.06 12.20 -36.45
CA GLU C 22 -11.07 13.21 -37.50
C GLU C 22 -12.17 14.24 -37.30
N LYS C 23 -13.31 13.82 -36.76
CA LYS C 23 -14.48 14.69 -36.59
C LYS C 23 -14.78 15.00 -35.12
N ARG C 24 -13.74 14.96 -34.29
CA ARG C 24 -13.87 15.32 -32.87
C ARG C 24 -13.63 16.81 -32.66
N GLU C 25 -14.64 17.49 -32.14
CA GLU C 25 -14.53 18.90 -31.81
C GLU C 25 -13.58 19.08 -30.63
N ASN C 26 -13.00 20.27 -30.51
CA ASN C 26 -12.03 20.57 -29.46
C ASN C 26 -12.75 20.70 -28.13
N VAL C 27 -12.97 19.58 -27.43
CA VAL C 27 -13.66 19.63 -26.16
C VAL C 27 -13.24 18.53 -25.21
N GLY C 28 -13.34 18.83 -23.93
CA GLY C 28 -13.21 17.83 -22.89
C GLY C 28 -11.87 17.14 -22.99
N ILE C 29 -11.91 15.82 -22.99
CA ILE C 29 -10.70 15.01 -23.04
C ILE C 29 -9.85 15.34 -24.26
N GLN C 30 -10.50 15.62 -25.38
CA GLN C 30 -9.81 15.97 -26.63
C GLN C 30 -9.06 17.29 -26.47
N ALA C 31 -9.71 18.25 -25.81
CA ALA C 31 -9.12 19.54 -25.50
C ALA C 31 -8.02 19.44 -24.44
N ALA C 32 -8.18 18.53 -23.48
CA ALA C 32 -7.11 18.22 -22.51
C ALA C 32 -5.81 17.83 -23.21
N PHE C 33 -5.92 16.85 -24.09
CA PHE C 33 -4.77 16.33 -24.84
C PHE C 33 -4.08 17.42 -25.67
N LYS C 34 -4.86 18.32 -26.26
CA LYS C 34 -4.34 19.24 -27.26
C LYS C 34 -3.68 20.50 -26.67
N GLU C 35 -3.86 20.76 -25.38
CA GLU C 35 -3.13 21.84 -24.70
C GLU C 35 -2.06 21.31 -23.74
N THR C 36 -1.83 20.00 -23.82
CA THR C 36 -0.78 19.35 -23.04
C THR C 36 0.30 18.76 -23.95
N PHE C 37 -0.02 18.48 -25.21
CA PHE C 37 0.90 17.88 -26.14
C PHE C 37 1.10 18.76 -27.33
N PRO C 38 2.31 19.06 -27.73
CA PRO C 38 3.48 18.26 -27.70
C PRO C 38 4.47 18.72 -26.73
N ILE C 39 5.18 17.75 -26.18
CA ILE C 39 6.23 17.98 -25.26
C ILE C 39 7.61 17.95 -25.92
N GLU C 40 8.18 19.12 -26.16
CA GLU C 40 9.53 19.34 -26.65
C GLU C 40 10.48 19.56 -25.49
N GLU C 41 11.50 18.71 -25.39
CA GLU C 41 12.61 18.93 -24.47
C GLU C 41 13.92 18.67 -25.19
N GLY C 42 14.72 19.72 -25.38
CA GLY C 42 16.03 19.59 -26.00
C GLY C 42 16.52 20.88 -26.64
N GLY C 47 20.64 15.13 -29.06
CA GLY C 47 19.34 14.79 -29.61
C GLY C 47 18.27 15.77 -29.15
N GLY C 48 17.28 16.00 -30.01
CA GLY C 48 16.18 16.90 -29.70
C GLY C 48 14.89 16.13 -29.77
N LEU C 49 14.34 15.81 -28.61
CA LEU C 49 13.14 14.99 -28.54
C LEU C 49 11.89 15.84 -28.65
N VAL C 50 10.89 15.31 -29.38
CA VAL C 50 9.52 15.83 -29.34
C VAL C 50 8.54 14.66 -29.19
N LEU C 51 7.75 14.68 -28.11
CA LEU C 51 6.70 13.69 -27.91
C LEU C 51 5.37 14.35 -28.19
N ASP C 52 4.65 13.82 -29.19
CA ASP C 52 3.44 14.45 -29.71
C ASP C 52 2.25 13.48 -29.63
N PHE C 53 1.05 14.05 -29.64
CA PHE C 53 -0.21 13.30 -29.52
C PHE C 53 -0.94 13.27 -30.87
N LEU C 54 -1.56 12.14 -31.21
CA LEU C 54 -2.19 11.98 -32.54
C LEU C 54 -3.69 11.77 -32.49
N GLU C 55 -4.13 10.87 -31.64
CA GLU C 55 -5.55 10.64 -31.38
C GLU C 55 -5.62 9.73 -30.17
N TYR C 56 -6.71 9.81 -29.44
CA TYR C 56 -6.94 8.89 -28.35
C TYR C 56 -8.10 7.99 -28.70
N ARG C 57 -8.31 6.97 -27.87
CA ARG C 57 -9.36 5.99 -28.10
C ARG C 57 -9.96 5.53 -26.80
N ILE C 58 -11.27 5.49 -26.75
CA ILE C 58 -11.97 4.92 -25.62
C ILE C 58 -12.66 3.68 -26.13
N GLY C 59 -12.27 2.54 -25.56
CA GLY C 59 -12.80 1.25 -25.99
C GLY C 59 -14.25 1.06 -25.63
N ASP C 60 -14.76 -0.14 -25.89
CA ASP C 60 -16.14 -0.48 -25.56
C ASP C 60 -16.20 -1.09 -24.17
N PRO C 61 -17.30 -0.87 -23.44
CA PRO C 61 -17.35 -1.47 -22.12
C PRO C 61 -17.37 -2.99 -22.25
N PRO C 62 -16.52 -3.68 -21.46
CA PRO C 62 -16.42 -5.13 -21.55
C PRO C 62 -17.66 -5.83 -20.98
N PHE C 63 -18.17 -5.29 -19.88
CA PHE C 63 -19.39 -5.78 -19.27
C PHE C 63 -20.44 -4.70 -19.36
N SER C 64 -21.67 -5.10 -19.66
CA SER C 64 -22.75 -4.15 -19.84
C SER C 64 -23.25 -3.55 -18.52
N GLN C 65 -24.02 -2.48 -18.63
CA GLN C 65 -24.62 -1.81 -17.48
C GLN C 65 -25.28 -2.77 -16.51
N ASP C 66 -26.17 -3.60 -17.02
CA ASP C 66 -26.86 -4.56 -16.16
C ASP C 66 -25.89 -5.62 -15.71
N GLU C 67 -25.16 -6.21 -16.66
CA GLU C 67 -24.15 -7.23 -16.39
C GLU C 67 -23.21 -6.80 -15.25
N CYS C 68 -22.87 -5.52 -15.21
CA CYS C 68 -22.01 -4.97 -14.16
C CYS C 68 -22.69 -4.96 -12.79
N ARG C 69 -23.89 -4.38 -12.71
CA ARG C 69 -24.66 -4.39 -11.46
C ARG C 69 -24.88 -5.80 -10.93
N GLU C 70 -25.32 -6.70 -11.80
CA GLU C 70 -25.62 -8.07 -11.40
C GLU C 70 -24.39 -8.67 -10.74
N LYS C 71 -23.24 -8.52 -11.40
CA LYS C 71 -22.05 -9.29 -11.02
C LYS C 71 -20.98 -8.53 -10.21
N ASP C 72 -21.20 -7.26 -9.94
CA ASP C 72 -20.30 -6.48 -9.08
C ASP C 72 -19.00 -6.06 -9.75
N LEU C 73 -19.06 -5.84 -11.06
CA LEU C 73 -17.95 -5.35 -11.84
C LEU C 73 -18.12 -3.86 -12.09
N THR C 74 -17.04 -3.19 -12.50
CA THR C 74 -17.12 -1.77 -12.84
C THR C 74 -17.55 -1.59 -14.30
N TYR C 75 -18.31 -0.52 -14.58
CA TYR C 75 -18.73 -0.17 -15.95
C TYR C 75 -17.76 0.88 -16.50
N GLN C 76 -16.78 0.43 -17.25
CA GLN C 76 -15.71 1.31 -17.70
C GLN C 76 -15.06 0.82 -18.98
N ALA C 77 -14.57 1.76 -19.77
CA ALA C 77 -13.80 1.45 -20.97
C ALA C 77 -12.33 1.78 -20.71
N PRO C 78 -11.42 1.15 -21.48
CA PRO C 78 -10.02 1.53 -21.42
C PRO C 78 -9.73 2.71 -22.33
N LEU C 79 -8.78 3.56 -21.93
CA LEU C 79 -8.34 4.70 -22.74
C LEU C 79 -6.94 4.46 -23.28
N TYR C 80 -6.77 4.70 -24.58
CA TYR C 80 -5.47 4.61 -25.26
C TYR C 80 -5.15 5.90 -25.99
N ALA C 81 -3.87 6.26 -26.02
CA ALA C 81 -3.39 7.43 -26.75
C ALA C 81 -2.27 7.03 -27.70
N ARG C 82 -2.31 7.55 -28.93
CA ARG C 82 -1.20 7.38 -29.87
C ARG C 82 -0.21 8.49 -29.72
N LEU C 83 0.97 8.18 -29.21
CA LEU C 83 2.02 9.15 -29.15
C LEU C 83 3.01 8.82 -30.25
N GLN C 84 3.63 9.84 -30.83
CA GLN C 84 4.76 9.62 -31.73
C GLN C 84 5.95 10.38 -31.19
N LEU C 85 7.05 9.66 -30.96
CA LEU C 85 8.29 10.25 -30.49
C LEU C 85 9.12 10.64 -31.70
N ILE C 86 9.65 11.86 -31.70
CA ILE C 86 10.40 12.38 -32.82
C ILE C 86 11.80 12.80 -32.38
N HIS C 87 12.82 12.15 -32.94
CA HIS C 87 14.20 12.50 -32.67
C HIS C 87 14.63 13.53 -33.70
N LYS C 88 14.75 14.78 -33.28
CA LYS C 88 15.12 15.86 -34.19
C LYS C 88 16.53 15.71 -34.76
N ASP C 89 17.46 15.19 -33.95
CA ASP C 89 18.82 14.95 -34.42
C ASP C 89 18.84 13.84 -35.47
N THR C 90 18.13 12.75 -35.21
CA THR C 90 18.16 11.61 -36.13
C THR C 90 17.17 11.82 -37.29
N GLY C 91 15.95 12.23 -36.96
CA GLY C 91 14.84 12.23 -37.90
C GLY C 91 13.90 11.05 -37.68
N LEU C 92 14.27 10.16 -36.74
CA LEU C 92 13.49 8.95 -36.48
C LEU C 92 12.16 9.32 -35.82
N ILE C 93 11.15 8.50 -36.10
CA ILE C 93 9.87 8.61 -35.43
C ILE C 93 9.50 7.23 -34.90
N LYS C 94 9.15 7.17 -33.61
CA LYS C 94 8.58 5.96 -33.04
C LYS C 94 7.15 6.27 -32.63
N GLU C 95 6.20 5.60 -33.29
CA GLU C 95 4.79 5.72 -32.95
C GLU C 95 4.40 4.53 -32.10
N ASP C 96 3.54 4.75 -31.11
CA ASP C 96 3.02 3.67 -30.32
C ASP C 96 1.72 4.03 -29.63
N GLU C 97 0.99 3.01 -29.18
CA GLU C 97 -0.29 3.21 -28.54
C GLU C 97 -0.24 2.94 -27.03
N VAL C 98 -0.18 4.01 -26.24
CA VAL C 98 0.06 3.93 -24.79
C VAL C 98 -1.23 3.85 -23.96
N PHE C 99 -1.30 2.85 -23.10
CA PHE C 99 -2.44 2.69 -22.20
C PHE C 99 -2.37 3.73 -21.09
N LEU C 100 -3.45 4.48 -20.91
CA LEU C 100 -3.49 5.53 -19.90
C LEU C 100 -4.31 5.15 -18.67
N GLY C 101 -5.28 4.26 -18.84
CA GLY C 101 -6.16 3.84 -17.73
C GLY C 101 -7.62 3.70 -18.15
N HIS C 102 -8.47 3.33 -17.20
CA HIS C 102 -9.89 3.15 -17.47
C HIS C 102 -10.69 4.38 -17.07
N LEU C 103 -11.65 4.75 -17.91
CA LEU C 103 -12.63 5.79 -17.62
C LEU C 103 -13.95 5.11 -17.28
N PRO C 104 -14.50 5.38 -16.09
CA PRO C 104 -15.87 4.97 -15.81
C PRO C 104 -16.84 5.60 -16.82
N LEU C 105 -17.77 4.80 -17.33
CA LEU C 105 -18.76 5.31 -18.30
C LEU C 105 -20.06 5.63 -17.56
N MET C 106 -20.77 6.66 -18.03
CA MET C 106 -22.02 7.06 -17.37
C MET C 106 -23.17 6.20 -17.83
N THR C 107 -24.06 5.92 -16.89
CA THR C 107 -25.34 5.32 -17.17
C THR C 107 -26.29 6.40 -17.72
N GLU C 108 -27.30 5.97 -18.47
CA GLU C 108 -28.31 6.88 -19.02
C GLU C 108 -28.99 7.76 -17.96
N ASP C 109 -28.89 7.34 -16.70
CA ASP C 109 -29.58 8.00 -15.59
C ASP C 109 -28.76 9.06 -14.86
N GLY C 110 -27.46 9.17 -15.17
CA GLY C 110 -26.58 10.12 -14.49
C GLY C 110 -25.81 9.49 -13.35
N SER C 111 -25.70 8.16 -13.36
CA SER C 111 -24.95 7.43 -12.35
C SER C 111 -23.75 6.72 -12.97
N PHE C 112 -22.83 6.28 -12.12
CA PHE C 112 -21.75 5.39 -12.54
C PHE C 112 -21.91 4.05 -11.83
N ILE C 113 -21.64 2.95 -12.53
CA ILE C 113 -21.65 1.63 -11.92
C ILE C 113 -20.21 1.22 -11.58
N ILE C 114 -19.88 1.30 -10.29
CA ILE C 114 -18.54 0.98 -9.78
C ILE C 114 -18.63 -0.13 -8.73
N ASN C 115 -18.03 -1.27 -9.06
CA ASN C 115 -18.08 -2.48 -8.22
C ASN C 115 -19.49 -2.85 -7.77
N GLY C 116 -20.43 -2.82 -8.73
CA GLY C 116 -21.82 -3.19 -8.49
C GLY C 116 -22.71 -2.08 -7.93
N ALA C 117 -22.09 -1.03 -7.39
CA ALA C 117 -22.81 0.01 -6.66
C ALA C 117 -23.05 1.22 -7.55
N ASP C 118 -24.31 1.49 -7.87
CA ASP C 118 -24.69 2.74 -8.51
C ASP C 118 -24.16 3.90 -7.67
N ARG C 119 -23.46 4.81 -8.32
CA ARG C 119 -22.89 5.95 -7.65
C ARG C 119 -23.00 7.17 -8.53
N VAL C 120 -22.99 8.36 -7.92
CA VAL C 120 -23.25 9.59 -8.66
C VAL C 120 -22.33 10.71 -8.17
N ILE C 121 -21.99 11.60 -9.11
CA ILE C 121 -21.18 12.76 -8.82
C ILE C 121 -22.08 13.98 -8.91
N VAL C 122 -22.42 14.54 -7.74
CA VAL C 122 -23.38 15.63 -7.66
C VAL C 122 -22.76 16.98 -8.00
N SER C 123 -23.43 17.69 -8.88
CA SER C 123 -23.00 19.01 -9.28
C SER C 123 -23.76 20.00 -8.47
N GLN C 124 -23.02 20.71 -7.65
CA GLN C 124 -23.56 21.75 -6.82
C GLN C 124 -22.78 23.06 -6.80
N GLY C 125 -22.80 23.92 -7.83
CA GLY C 125 -23.55 23.85 -9.07
C GLY C 125 -22.94 24.73 -10.15
N GLY C 126 -23.34 24.53 -11.38
CA GLY C 126 -22.96 25.37 -12.49
C GLY C 126 -22.00 24.84 -13.54
N ARG C 127 -21.08 23.99 -13.15
CA ARG C 127 -20.25 23.15 -14.01
C ARG C 127 -20.78 21.73 -14.04
N THR C 128 -20.88 21.17 -15.25
CA THR C 128 -21.44 19.84 -15.46
C THR C 128 -20.41 18.76 -15.11
N VAL C 129 -20.92 17.60 -14.67
CA VAL C 129 -20.08 16.45 -14.34
C VAL C 129 -19.02 16.20 -15.41
N GLY C 130 -19.39 16.40 -16.68
CA GLY C 130 -18.46 16.22 -17.80
C GLY C 130 -17.28 17.17 -17.73
N GLU C 131 -17.57 18.47 -17.70
CA GLU C 131 -16.51 19.49 -17.59
C GLU C 131 -15.74 19.45 -16.26
N LEU C 132 -16.37 18.98 -15.18
CA LEU C 132 -15.66 18.70 -13.92
C LEU C 132 -14.62 17.59 -14.08
N MET C 133 -14.91 16.62 -14.93
CA MET C 133 -13.98 15.53 -15.18
C MET C 133 -12.85 15.96 -16.12
N ALA C 134 -13.19 16.73 -17.15
CA ALA C 134 -12.19 17.20 -18.12
C ALA C 134 -11.13 18.04 -17.42
N ASP C 135 -11.58 18.95 -16.54
CA ASP C 135 -10.68 19.80 -15.77
C ASP C 135 -9.76 19.01 -14.85
N GLN C 136 -10.28 17.94 -14.25
CA GLN C 136 -9.48 17.05 -13.41
C GLN C 136 -8.49 16.32 -14.29
N PHE C 137 -8.97 15.83 -15.43
CA PHE C 137 -8.13 15.14 -16.41
C PHE C 137 -6.88 15.96 -16.78
N ARG C 138 -7.05 17.27 -16.88
CA ARG C 138 -5.94 18.19 -17.17
C ARG C 138 -4.90 18.24 -16.05
N VAL C 139 -5.33 18.01 -14.81
CA VAL C 139 -4.40 17.92 -13.70
C VAL C 139 -3.60 16.63 -13.86
N GLY C 140 -4.30 15.53 -14.09
CA GLY C 140 -3.66 14.25 -14.39
C GLY C 140 -2.72 14.37 -15.57
N LEU C 141 -3.21 14.97 -16.65
CA LEU C 141 -2.45 15.11 -17.90
C LEU C 141 -1.20 16.00 -17.74
N ALA C 142 -1.31 17.03 -16.91
CA ALA C 142 -0.18 17.92 -16.61
C ALA C 142 0.88 17.26 -15.71
N ARG C 143 0.48 16.33 -14.85
CA ARG C 143 1.43 15.56 -14.05
C ARG C 143 2.20 14.59 -14.94
N LEU C 144 1.45 13.89 -15.79
CA LEU C 144 2.04 13.02 -16.80
C LEU C 144 3.01 13.79 -17.70
N ALA C 145 2.71 15.06 -17.96
CA ALA C 145 3.53 15.91 -18.82
C ALA C 145 4.89 16.24 -18.20
N ARG C 146 4.91 16.55 -16.92
CA ARG C 146 6.16 16.81 -16.22
C ARG C 146 7.01 15.54 -16.10
N GLY C 147 6.36 14.43 -15.76
CA GLY C 147 7.04 13.13 -15.66
C GLY C 147 7.73 12.68 -16.93
N VAL C 148 7.16 13.03 -18.08
CA VAL C 148 7.76 12.68 -19.37
C VAL C 148 8.98 13.56 -19.67
N ARG C 149 8.90 14.85 -19.31
CA ARG C 149 10.02 15.76 -19.51
C ARG C 149 11.20 15.45 -18.58
N GLU C 150 10.91 15.04 -17.35
CA GLU C 150 11.95 14.57 -16.44
C GLU C 150 12.75 13.44 -17.10
N ARG C 151 12.03 12.53 -17.75
CA ARG C 151 12.63 11.36 -18.40
C ARG C 151 13.24 11.62 -19.77
N MET C 152 12.89 12.76 -20.40
CA MET C 152 13.61 13.21 -21.59
C MET C 152 15.00 13.68 -21.20
N VAL C 153 15.09 14.35 -20.06
CA VAL C 153 16.35 14.90 -19.56
C VAL C 153 17.27 13.80 -19.04
N MET C 154 16.76 12.98 -18.12
CA MET C 154 17.57 11.94 -17.47
C MET C 154 17.84 10.76 -18.40
N GLY C 155 16.77 10.28 -19.05
CA GLY C 155 16.85 9.08 -19.89
C GLY C 155 17.71 9.25 -21.13
N SER C 156 18.20 8.12 -21.65
CA SER C 156 19.10 8.12 -22.81
C SER C 156 18.28 8.33 -24.10
N PRO C 157 18.56 9.42 -24.84
CA PRO C 157 17.78 9.75 -26.03
C PRO C 157 17.55 8.58 -26.99
N ASP C 158 18.64 7.94 -27.42
CA ASP C 158 18.60 6.85 -28.41
C ASP C 158 17.63 5.69 -28.07
N THR C 159 17.62 5.26 -26.82
CA THR C 159 16.79 4.12 -26.40
C THR C 159 15.32 4.51 -26.20
N LEU C 160 15.07 5.74 -25.79
CA LEU C 160 13.73 6.15 -25.35
C LEU C 160 12.65 5.89 -26.40
N THR C 161 11.48 5.47 -25.90
CA THR C 161 10.29 5.22 -26.71
C THR C 161 9.11 5.80 -25.93
N PRO C 162 8.02 6.18 -26.63
CA PRO C 162 6.91 6.84 -25.95
C PRO C 162 6.45 6.11 -24.67
N ALA C 163 6.31 4.79 -24.74
CA ALA C 163 5.79 4.03 -23.60
C ALA C 163 6.75 4.03 -22.40
N LYS C 164 8.05 4.10 -22.67
CA LYS C 164 9.05 4.26 -21.61
C LYS C 164 8.93 5.63 -20.92
N LEU C 165 8.73 6.68 -21.72
CA LEU C 165 8.59 8.04 -21.21
C LEU C 165 7.30 8.23 -20.41
N VAL C 166 6.21 7.64 -20.88
CA VAL C 166 4.89 7.86 -20.28
C VAL C 166 4.60 6.92 -19.12
N ASN C 167 4.42 7.50 -17.94
CA ASN C 167 3.98 6.80 -16.75
C ASN C 167 2.59 7.29 -16.42
N SER C 168 1.63 6.38 -16.38
CA SER C 168 0.22 6.76 -16.30
C SER C 168 -0.31 6.95 -14.87
N ARG C 169 0.51 6.69 -13.85
CA ARG C 169 0.01 6.72 -12.47
C ARG C 169 -0.64 8.04 -12.05
N PRO C 170 0.04 9.17 -12.31
CA PRO C 170 -0.56 10.47 -12.03
C PRO C 170 -1.94 10.68 -12.65
N LEU C 171 -2.09 10.33 -13.93
CA LEU C 171 -3.38 10.44 -14.61
C LEU C 171 -4.43 9.53 -13.95
N GLU C 172 -4.03 8.30 -13.64
CA GLU C 172 -4.91 7.34 -12.98
C GLU C 172 -5.23 7.77 -11.54
N ALA C 173 -4.29 8.48 -10.91
CA ALA C 173 -4.42 8.95 -9.53
C ALA C 173 -5.37 10.14 -9.41
N ALA C 174 -5.30 11.06 -10.36
CA ALA C 174 -6.23 12.18 -10.42
C ALA C 174 -7.67 11.71 -10.59
N LEU C 175 -7.84 10.67 -11.40
CA LEU C 175 -9.16 10.10 -11.64
C LEU C 175 -9.67 9.25 -10.47
N ARG C 176 -8.79 8.83 -9.57
CA ARG C 176 -9.23 8.15 -8.35
C ARG C 176 -9.91 9.14 -7.40
N GLU C 177 -9.22 10.23 -7.09
CA GLU C 177 -9.79 11.29 -6.23
C GLU C 177 -11.15 11.78 -6.74
N PHE C 178 -11.29 11.87 -8.06
CA PHE C 178 -12.53 12.34 -8.67
C PHE C 178 -13.68 11.37 -8.38
N PHE C 179 -13.47 10.09 -8.70
CA PHE C 179 -14.51 9.08 -8.60
C PHE C 179 -14.59 8.43 -7.22
N SER C 180 -13.52 8.54 -6.44
CA SER C 180 -13.57 8.13 -5.02
C SER C 180 -14.44 9.08 -4.20
N ARG C 181 -14.89 10.18 -4.81
CA ARG C 181 -15.90 11.06 -4.21
C ARG C 181 -17.26 10.83 -4.82
N SER C 182 -17.42 9.65 -5.38
CA SER C 182 -18.69 9.28 -5.93
C SER C 182 -19.59 8.97 -4.75
N GLN C 183 -20.80 9.51 -4.80
CA GLN C 183 -21.78 9.33 -3.74
C GLN C 183 -22.63 8.12 -4.07
N LEU C 184 -22.93 7.30 -3.06
CA LEU C 184 -23.85 6.19 -3.25
C LEU C 184 -25.25 6.74 -3.49
N SER C 185 -25.80 6.43 -4.67
CA SER C 185 -27.16 6.80 -5.06
C SER C 185 -28.09 5.65 -4.73
N GLN C 186 -27.51 4.65 -4.07
CA GLN C 186 -27.73 3.24 -4.44
C GLN C 186 -29.12 2.76 -4.85
N PHE C 187 -29.18 2.22 -6.07
CA PHE C 187 -30.36 1.54 -6.62
C PHE C 187 -31.46 2.54 -6.98
N MET D 1 -6.33 -26.26 -42.86
CA MET D 1 -7.36 -25.19 -42.74
C MET D 1 -8.60 -25.67 -41.98
N PRO D 2 -8.81 -27.00 -41.91
CA PRO D 2 -9.55 -27.53 -40.77
C PRO D 2 -8.64 -27.80 -39.57
N LEU D 3 -7.33 -27.64 -39.75
CA LEU D 3 -6.43 -27.49 -38.61
C LEU D 3 -6.76 -26.16 -37.96
N THR D 4 -6.92 -25.14 -38.80
CA THR D 4 -7.37 -23.82 -38.36
C THR D 4 -8.72 -23.87 -37.63
N GLU D 5 -9.71 -24.53 -38.21
CA GLU D 5 -11.03 -24.63 -37.58
C GLU D 5 -10.92 -25.39 -36.28
N ILE D 6 -10.21 -26.53 -36.31
CA ILE D 6 -9.91 -27.32 -35.12
C ILE D 6 -9.21 -26.50 -34.07
N GLN D 7 -8.12 -25.84 -34.46
CA GLN D 7 -7.31 -25.04 -33.54
C GLN D 7 -8.14 -23.93 -32.90
N VAL D 8 -8.90 -23.21 -33.72
CA VAL D 8 -9.76 -22.14 -33.25
C VAL D 8 -10.75 -22.63 -32.21
N GLU D 9 -11.46 -23.72 -32.52
CA GLU D 9 -12.56 -24.20 -31.68
C GLU D 9 -12.08 -24.79 -30.35
N SER D 10 -10.79 -25.16 -30.31
CA SER D 10 -10.16 -25.68 -29.09
C SER D 10 -9.84 -24.54 -28.13
N TYR D 11 -9.39 -23.42 -28.68
CA TYR D 11 -9.05 -22.25 -27.87
C TYR D 11 -10.31 -21.67 -27.25
N LYS D 12 -11.42 -21.78 -27.97
CA LYS D 12 -12.69 -21.25 -27.48
C LYS D 12 -13.20 -22.16 -26.37
N LYS D 13 -12.98 -23.45 -26.56
CA LYS D 13 -13.26 -24.46 -25.56
C LYS D 13 -12.42 -24.20 -24.30
N ALA D 14 -11.19 -23.76 -24.51
CA ALA D 14 -10.27 -23.44 -23.42
C ALA D 14 -10.77 -22.28 -22.56
N LEU D 15 -11.49 -21.33 -23.17
CA LEU D 15 -11.96 -20.12 -22.47
C LEU D 15 -13.40 -20.23 -21.99
N GLN D 16 -14.21 -21.04 -22.68
CA GLN D 16 -15.66 -21.08 -22.47
C GLN D 16 -16.18 -19.67 -22.20
N ALA D 17 -15.65 -18.72 -22.97
CA ALA D 17 -15.84 -17.30 -22.69
C ALA D 17 -17.32 -16.93 -22.59
N ASP D 18 -18.10 -17.36 -23.56
CA ASP D 18 -19.50 -16.94 -23.65
C ASP D 18 -20.44 -18.05 -23.15
N VAL D 19 -20.07 -18.66 -22.03
CA VAL D 19 -20.83 -19.77 -21.46
C VAL D 19 -21.22 -19.42 -20.02
N PRO D 20 -22.44 -19.80 -19.59
CA PRO D 20 -22.85 -19.61 -18.20
C PRO D 20 -21.97 -20.43 -17.24
N PRO D 21 -21.37 -19.77 -16.22
CA PRO D 21 -20.42 -20.41 -15.33
C PRO D 21 -20.80 -21.84 -14.96
N GLU D 22 -22.03 -22.05 -14.52
CA GLU D 22 -22.50 -23.38 -14.14
C GLU D 22 -22.43 -24.36 -15.30
N LYS D 23 -22.84 -23.91 -16.49
CA LYS D 23 -22.85 -24.78 -17.68
C LYS D 23 -21.46 -24.98 -18.29
N ARG D 24 -20.41 -24.69 -17.52
CA ARG D 24 -19.04 -24.94 -17.97
C ARG D 24 -18.62 -26.33 -17.56
N GLU D 25 -17.95 -27.05 -18.47
CA GLU D 25 -17.34 -28.34 -18.17
C GLU D 25 -15.94 -28.10 -17.58
N ASN D 26 -15.28 -29.15 -17.11
CA ASN D 26 -13.88 -29.07 -16.67
C ASN D 26 -12.93 -29.17 -17.85
N VAL D 27 -12.51 -28.02 -18.38
CA VAL D 27 -11.50 -28.00 -19.40
C VAL D 27 -10.84 -26.62 -19.40
N GLY D 28 -9.74 -26.48 -20.14
CA GLY D 28 -9.02 -25.23 -20.23
C GLY D 28 -8.82 -24.55 -18.89
N ILE D 29 -9.16 -23.26 -18.85
CA ILE D 29 -9.04 -22.43 -17.66
C ILE D 29 -9.84 -23.03 -16.51
N GLN D 30 -11.09 -23.36 -16.79
CA GLN D 30 -12.02 -23.85 -15.77
C GLN D 30 -11.37 -24.92 -14.93
N ALA D 31 -10.87 -25.95 -15.60
CA ALA D 31 -10.17 -27.04 -14.93
C ALA D 31 -9.03 -26.44 -14.13
N ALA D 32 -8.21 -25.62 -14.80
CA ALA D 32 -7.09 -24.96 -14.14
C ALA D 32 -7.54 -24.31 -12.84
N PHE D 33 -8.67 -23.61 -12.88
CA PHE D 33 -9.18 -22.90 -11.71
C PHE D 33 -9.62 -23.86 -10.62
N LYS D 34 -10.40 -24.87 -10.98
CA LYS D 34 -10.96 -25.82 -10.01
C LYS D 34 -9.88 -26.67 -9.34
N GLU D 35 -8.99 -27.27 -10.12
CA GLU D 35 -7.93 -28.11 -9.55
C GLU D 35 -6.92 -27.32 -8.72
N THR D 36 -6.77 -26.02 -9.00
CA THR D 36 -5.92 -25.17 -8.17
C THR D 36 -6.59 -24.85 -6.82
N PHE D 37 -7.84 -24.46 -6.82
CA PHE D 37 -8.49 -24.00 -5.60
C PHE D 37 -9.36 -25.08 -5.12
N PRO D 38 -9.57 -25.21 -3.83
CA PRO D 38 -9.18 -24.27 -2.79
C PRO D 38 -7.77 -24.17 -2.41
N ILE D 39 -7.39 -23.02 -1.89
CA ILE D 39 -6.12 -22.84 -1.27
C ILE D 39 -6.34 -22.69 0.22
N GLU D 40 -6.05 -23.73 0.98
CA GLU D 40 -6.28 -23.81 2.41
C GLU D 40 -5.08 -23.26 3.15
N GLU D 41 -5.30 -22.78 4.36
CA GLU D 41 -4.19 -22.43 5.21
C GLU D 41 -4.42 -22.86 6.63
N GLY D 42 -3.31 -23.02 7.32
CA GLY D 42 -3.31 -23.38 8.72
C GLY D 42 -2.84 -22.19 9.50
N ASP D 43 -1.53 -21.99 9.55
CA ASP D 43 -0.91 -20.94 10.38
C ASP D 43 -1.37 -21.06 11.83
N GLY D 45 -2.42 -23.43 15.14
CA GLY D 45 -3.27 -23.54 13.95
C GLY D 45 -4.71 -23.82 14.31
N LYS D 46 -5.60 -22.93 13.91
CA LYS D 46 -7.03 -23.10 14.20
C LYS D 46 -7.83 -22.81 12.94
N GLY D 47 -8.77 -21.87 13.03
CA GLY D 47 -9.39 -21.33 11.86
C GLY D 47 -8.28 -20.63 11.10
N GLY D 48 -7.92 -21.20 9.97
CA GLY D 48 -6.93 -20.61 9.09
C GLY D 48 -7.71 -20.11 7.91
N LEU D 49 -7.17 -19.10 7.25
CA LEU D 49 -7.82 -18.56 6.07
C LEU D 49 -7.92 -19.63 4.95
N VAL D 50 -9.06 -19.67 4.28
CA VAL D 50 -9.26 -20.51 3.11
C VAL D 50 -10.03 -19.68 2.10
N LEU D 51 -9.63 -19.74 0.82
CA LEU D 51 -10.38 -19.04 -0.22
C LEU D 51 -10.82 -19.98 -1.35
N ASP D 52 -12.12 -20.01 -1.61
CA ASP D 52 -12.68 -20.89 -2.63
C ASP D 52 -12.89 -20.11 -3.92
N PHE D 53 -12.78 -20.82 -5.04
CA PHE D 53 -13.03 -20.26 -6.36
C PHE D 53 -14.50 -20.44 -6.70
N LEU D 54 -15.22 -19.34 -6.86
CA LEU D 54 -16.65 -19.38 -7.15
C LEU D 54 -16.88 -19.45 -8.65
N GLU D 55 -16.40 -18.42 -9.36
CA GLU D 55 -16.52 -18.38 -10.81
C GLU D 55 -15.55 -17.36 -11.38
N TYR D 56 -15.05 -17.65 -12.57
CA TYR D 56 -14.23 -16.70 -13.29
C TYR D 56 -15.12 -16.01 -14.29
N ARG D 57 -14.68 -14.84 -14.73
CA ARG D 57 -15.51 -13.96 -15.52
C ARG D 57 -14.71 -13.38 -16.67
N ILE D 58 -15.01 -13.84 -17.88
CA ILE D 58 -14.37 -13.37 -19.09
C ILE D 58 -15.12 -12.17 -19.65
N GLY D 59 -14.43 -11.04 -19.74
CA GLY D 59 -14.98 -9.85 -20.36
C GLY D 59 -14.96 -10.00 -21.87
N ASP D 60 -15.88 -9.35 -22.56
CA ASP D 60 -15.86 -9.38 -24.02
C ASP D 60 -15.16 -8.12 -24.56
N PRO D 61 -14.55 -8.23 -25.75
CA PRO D 61 -13.44 -7.38 -26.18
C PRO D 61 -13.80 -5.92 -26.46
N PRO D 62 -12.97 -4.97 -25.97
CA PRO D 62 -13.20 -3.54 -26.13
C PRO D 62 -13.07 -3.05 -27.56
N PHE D 63 -12.26 -3.75 -28.35
CA PHE D 63 -11.98 -3.33 -29.70
C PHE D 63 -12.21 -4.50 -30.64
N SER D 64 -12.97 -4.24 -31.70
CA SER D 64 -13.21 -5.22 -32.74
C SER D 64 -11.88 -5.76 -33.27
N GLN D 65 -11.95 -6.90 -33.94
CA GLN D 65 -10.79 -7.48 -34.59
C GLN D 65 -10.25 -6.47 -35.59
N ASP D 66 -11.17 -5.98 -36.42
CA ASP D 66 -10.89 -4.95 -37.44
C ASP D 66 -10.38 -3.66 -36.82
N GLU D 67 -10.83 -3.38 -35.60
CA GLU D 67 -10.46 -2.17 -34.88
C GLU D 67 -9.07 -2.29 -34.27
N CYS D 68 -8.64 -3.52 -34.03
CA CYS D 68 -7.32 -3.80 -33.46
C CYS D 68 -6.22 -3.67 -34.50
N ARG D 69 -6.53 -4.03 -35.74
CA ARG D 69 -5.56 -3.95 -36.83
C ARG D 69 -5.33 -2.50 -37.30
N GLU D 70 -6.41 -1.73 -37.40
CA GLU D 70 -6.30 -0.35 -37.89
C GLU D 70 -5.58 0.54 -36.92
N LYS D 71 -5.86 0.30 -35.64
CA LYS D 71 -5.40 1.17 -34.60
C LYS D 71 -4.24 0.55 -33.83
N ASP D 72 -3.70 -0.55 -34.33
CA ASP D 72 -2.55 -1.20 -33.71
C ASP D 72 -2.76 -1.47 -32.21
N LEU D 73 -3.89 -2.10 -31.91
CA LEU D 73 -4.25 -2.47 -30.55
C LEU D 73 -4.26 -3.99 -30.48
N THR D 74 -4.35 -4.52 -29.26
CA THR D 74 -4.32 -5.95 -29.04
C THR D 74 -5.74 -6.48 -28.90
N TYR D 75 -6.03 -7.57 -29.58
CA TYR D 75 -7.32 -8.21 -29.51
C TYR D 75 -7.33 -9.16 -28.32
N GLN D 76 -8.08 -8.78 -27.29
CA GLN D 76 -8.02 -9.44 -25.98
C GLN D 76 -9.17 -9.03 -25.08
N ALA D 77 -9.39 -9.83 -24.05
CA ALA D 77 -10.48 -9.63 -23.11
C ALA D 77 -9.95 -9.65 -21.68
N PRO D 78 -10.56 -8.86 -20.78
CA PRO D 78 -10.17 -8.94 -19.37
C PRO D 78 -10.77 -10.15 -18.67
N LEU D 79 -9.96 -10.84 -17.86
CA LEU D 79 -10.43 -11.98 -17.04
C LEU D 79 -10.59 -11.57 -15.56
N TYR D 80 -11.80 -11.74 -15.02
CA TYR D 80 -12.03 -11.59 -13.56
C TYR D 80 -12.38 -12.92 -12.92
N ALA D 81 -11.89 -13.11 -11.69
CA ALA D 81 -12.18 -14.32 -10.92
C ALA D 81 -12.80 -13.92 -9.59
N ARG D 82 -13.86 -14.63 -9.20
CA ARG D 82 -14.53 -14.37 -7.94
C ARG D 82 -13.88 -15.20 -6.85
N LEU D 83 -13.25 -14.52 -5.89
CA LEU D 83 -12.54 -15.18 -4.81
C LEU D 83 -13.25 -14.94 -3.48
N GLN D 84 -13.35 -16.01 -2.68
CA GLN D 84 -14.13 -16.02 -1.46
C GLN D 84 -13.21 -16.37 -0.29
N LEU D 85 -12.78 -15.38 0.46
CA LEU D 85 -11.90 -15.62 1.63
C LEU D 85 -12.74 -15.97 2.86
N ILE D 86 -12.40 -17.08 3.50
CA ILE D 86 -13.15 -17.58 4.65
C ILE D 86 -12.30 -17.67 5.92
N HIS D 87 -12.89 -17.25 7.03
CA HIS D 87 -12.28 -17.37 8.35
C HIS D 87 -13.12 -18.32 9.18
N LYS D 88 -12.66 -19.55 9.31
CA LYS D 88 -13.38 -20.59 10.05
C LYS D 88 -13.52 -20.19 11.52
N ASP D 89 -12.51 -19.48 12.02
CA ASP D 89 -12.48 -19.05 13.43
C ASP D 89 -13.64 -18.12 13.77
N THR D 90 -14.18 -17.43 12.77
CA THR D 90 -15.37 -16.58 12.93
C THR D 90 -16.57 -17.10 12.14
N GLY D 91 -16.30 -17.69 10.97
CA GLY D 91 -17.34 -17.97 9.97
C GLY D 91 -17.35 -16.90 8.88
N LEU D 92 -16.57 -15.83 9.10
CA LEU D 92 -16.60 -14.63 8.29
C LEU D 92 -16.14 -14.91 6.87
N ILE D 93 -16.91 -14.43 5.89
CA ILE D 93 -16.61 -14.63 4.48
C ILE D 93 -16.32 -13.27 3.87
N LYS D 94 -15.34 -13.22 2.96
CA LYS D 94 -15.17 -12.03 2.13
C LYS D 94 -15.06 -12.37 0.65
N GLU D 95 -15.98 -11.83 -0.12
CA GLU D 95 -16.13 -12.14 -1.54
C GLU D 95 -15.48 -11.00 -2.31
N ASP D 96 -14.81 -11.28 -3.42
CA ASP D 96 -14.27 -10.19 -4.26
C ASP D 96 -14.04 -10.63 -5.70
N GLU D 97 -14.27 -9.71 -6.64
CA GLU D 97 -14.01 -9.95 -8.07
C GLU D 97 -12.63 -9.44 -8.46
N VAL D 98 -11.64 -10.32 -8.37
CA VAL D 98 -10.23 -9.96 -8.57
C VAL D 98 -9.79 -10.00 -10.05
N PHE D 99 -9.24 -8.88 -10.52
CA PHE D 99 -8.66 -8.80 -11.87
C PHE D 99 -7.38 -9.63 -11.99
N LEU D 100 -7.40 -10.61 -12.89
CA LEU D 100 -6.28 -11.52 -13.06
C LEU D 100 -5.37 -11.19 -14.25
N GLY D 101 -5.87 -10.39 -15.19
CA GLY D 101 -5.12 -10.07 -16.41
C GLY D 101 -5.93 -10.35 -17.64
N HIS D 102 -5.44 -9.89 -18.80
CA HIS D 102 -6.15 -10.01 -20.08
C HIS D 102 -5.78 -11.28 -20.84
N LEU D 103 -6.79 -11.98 -21.35
CA LEU D 103 -6.58 -13.09 -22.28
C LEU D 103 -6.71 -12.55 -23.69
N PRO D 104 -5.66 -12.71 -24.52
CA PRO D 104 -5.79 -12.46 -25.96
C PRO D 104 -6.71 -13.47 -26.63
N LEU D 105 -7.69 -12.98 -27.37
CA LEU D 105 -8.71 -13.83 -28.02
C LEU D 105 -8.32 -14.23 -29.44
N MET D 106 -8.68 -15.44 -29.85
CA MET D 106 -8.30 -15.97 -31.17
C MET D 106 -9.24 -15.53 -32.28
N THR D 107 -8.67 -14.88 -33.28
CA THR D 107 -9.35 -14.58 -34.55
C THR D 107 -9.84 -15.87 -35.21
N GLU D 108 -10.70 -15.76 -36.21
CA GLU D 108 -11.23 -16.93 -36.88
C GLU D 108 -10.19 -17.70 -37.70
N ASP D 109 -9.08 -17.04 -38.03
CA ASP D 109 -7.99 -17.66 -38.81
C ASP D 109 -7.13 -18.63 -38.01
N GLY D 110 -7.24 -18.62 -36.69
CA GLY D 110 -6.27 -19.31 -35.84
C GLY D 110 -5.14 -18.38 -35.46
N SER D 111 -5.28 -17.10 -35.81
CA SER D 111 -4.27 -16.08 -35.54
C SER D 111 -4.74 -15.17 -34.43
N PHE D 112 -3.78 -14.57 -33.75
CA PHE D 112 -4.06 -13.55 -32.74
C PHE D 112 -3.76 -12.18 -33.34
N ILE D 113 -4.14 -11.12 -32.63
CA ILE D 113 -3.81 -9.76 -33.00
C ILE D 113 -3.21 -9.08 -31.77
N ILE D 114 -1.90 -8.84 -31.82
CA ILE D 114 -1.16 -8.28 -30.68
C ILE D 114 -0.46 -7.01 -31.12
N ASN D 115 -0.92 -5.88 -30.59
CA ASN D 115 -0.40 -4.56 -30.97
C ASN D 115 -0.54 -4.27 -32.48
N GLY D 116 -1.61 -4.78 -33.08
CA GLY D 116 -1.87 -4.61 -34.52
C GLY D 116 -1.34 -5.72 -35.40
N ALA D 117 -0.35 -6.45 -34.90
CA ALA D 117 0.29 -7.51 -35.66
C ALA D 117 -0.53 -8.80 -35.58
N ASP D 118 -0.77 -9.42 -36.72
CA ASP D 118 -1.36 -10.75 -36.75
C ASP D 118 -0.29 -11.77 -36.42
N ARG D 119 -0.44 -12.45 -35.28
CA ARG D 119 0.56 -13.38 -34.78
C ARG D 119 -0.04 -14.75 -34.41
N VAL D 120 0.80 -15.78 -34.51
CA VAL D 120 0.32 -17.16 -34.46
C VAL D 120 1.09 -17.99 -33.46
N ILE D 121 0.38 -18.82 -32.69
CA ILE D 121 1.03 -19.84 -31.88
C ILE D 121 0.83 -21.19 -32.55
N VAL D 122 1.94 -21.76 -32.98
CA VAL D 122 1.92 -22.99 -33.70
C VAL D 122 2.08 -24.18 -32.77
N SER D 123 1.29 -25.22 -33.00
CA SER D 123 1.43 -26.43 -32.29
C SER D 123 2.23 -27.39 -33.11
N GLN D 124 3.39 -27.76 -32.64
CA GLN D 124 4.15 -28.73 -33.37
C GLN D 124 4.72 -29.85 -32.53
N GLY D 125 3.94 -30.82 -32.05
CA GLY D 125 2.56 -31.09 -32.37
C GLY D 125 1.79 -31.88 -31.35
N GLY D 126 0.50 -31.96 -31.53
CA GLY D 126 -0.35 -32.86 -30.78
C GLY D 126 -1.27 -32.33 -29.73
N ARG D 127 -0.95 -31.17 -29.28
CA ARG D 127 -1.79 -30.37 -28.41
C ARG D 127 -2.16 -29.07 -29.08
N THR D 128 -3.46 -28.76 -29.02
CA THR D 128 -3.98 -27.58 -29.71
C THR D 128 -3.62 -26.32 -28.96
N VAL D 129 -3.46 -25.22 -29.70
CA VAL D 129 -3.21 -23.89 -29.13
C VAL D 129 -4.00 -23.68 -27.84
N GLY D 130 -5.24 -24.19 -27.85
CA GLY D 130 -6.11 -24.22 -26.68
C GLY D 130 -5.51 -24.88 -25.45
N GLU D 131 -5.16 -26.16 -25.53
CA GLU D 131 -4.61 -26.87 -24.36
C GLU D 131 -3.17 -26.42 -24.08
N LEU D 132 -2.49 -25.95 -25.11
CA LEU D 132 -1.14 -25.40 -24.99
C LEU D 132 -1.13 -24.11 -24.15
N MET D 133 -2.28 -23.43 -24.10
CA MET D 133 -2.44 -22.25 -23.28
C MET D 133 -2.96 -22.61 -21.89
N ALA D 134 -3.93 -23.52 -21.84
CA ALA D 134 -4.50 -23.97 -20.56
C ALA D 134 -3.41 -24.47 -19.61
N ASP D 135 -2.56 -25.37 -20.10
CA ASP D 135 -1.44 -25.87 -19.30
C ASP D 135 -0.49 -24.75 -18.86
N GLN D 136 -0.31 -23.76 -19.73
CA GLN D 136 0.51 -22.58 -19.36
C GLN D 136 -0.25 -21.68 -18.36
N PHE D 137 -1.58 -21.73 -18.42
CA PHE D 137 -2.43 -21.13 -17.41
C PHE D 137 -2.25 -21.87 -16.08
N ARG D 138 -2.25 -23.19 -16.09
CA ARG D 138 -2.05 -23.99 -14.86
C ARG D 138 -0.78 -23.61 -14.11
N VAL D 139 0.31 -23.43 -14.84
CA VAL D 139 1.61 -23.13 -14.25
C VAL D 139 1.59 -21.78 -13.54
N GLY D 140 1.19 -20.75 -14.27
CA GLY D 140 1.07 -19.42 -13.70
C GLY D 140 0.13 -19.40 -12.50
N LEU D 141 -0.98 -20.10 -12.63
CA LEU D 141 -1.99 -20.20 -11.58
C LEU D 141 -1.41 -20.89 -10.35
N ALA D 142 -0.64 -21.94 -10.60
CA ALA D 142 0.05 -22.69 -9.55
C ALA D 142 1.00 -21.78 -8.77
N ARG D 143 1.66 -20.87 -9.47
CA ARG D 143 2.66 -19.99 -8.88
C ARG D 143 2.03 -18.81 -8.17
N LEU D 144 1.02 -18.24 -8.81
CA LEU D 144 0.12 -17.30 -8.18
C LEU D 144 -0.36 -17.85 -6.84
N ALA D 145 -0.76 -19.13 -6.85
CA ALA D 145 -1.28 -19.84 -5.67
C ALA D 145 -0.27 -19.92 -4.54
N ARG D 146 0.99 -20.16 -4.89
CA ARG D 146 2.06 -20.29 -3.90
C ARG D 146 2.23 -19.01 -3.09
N GLY D 147 2.13 -17.87 -3.77
CA GLY D 147 2.19 -16.56 -3.13
C GLY D 147 1.06 -16.30 -2.16
N VAL D 148 -0.18 -16.53 -2.59
CA VAL D 148 -1.34 -16.32 -1.70
C VAL D 148 -1.10 -17.04 -0.38
N ARG D 149 -0.70 -18.31 -0.45
CA ARG D 149 -0.40 -19.13 0.73
C ARG D 149 0.54 -18.43 1.71
N GLU D 150 1.66 -17.94 1.20
CA GLU D 150 2.67 -17.27 2.02
C GLU D 150 2.13 -16.00 2.67
N ARG D 151 1.40 -15.21 1.89
CA ARG D 151 0.79 -13.98 2.37
C ARG D 151 -0.07 -14.28 3.58
N MET D 152 -0.87 -15.33 3.46
CA MET D 152 -1.75 -15.78 4.53
C MET D 152 -1.00 -15.88 5.84
N VAL D 153 0.16 -16.55 5.77
CA VAL D 153 1.04 -16.71 6.92
C VAL D 153 1.59 -15.37 7.34
N MET D 154 2.37 -14.75 6.45
CA MET D 154 2.97 -13.45 6.71
C MET D 154 1.94 -12.46 7.27
N GLY D 155 0.80 -12.40 6.60
CA GLY D 155 -0.28 -11.49 6.97
C GLY D 155 -0.92 -11.79 8.30
N SER D 156 -1.66 -10.80 8.80
CA SER D 156 -2.44 -10.90 10.03
C SER D 156 -3.85 -11.39 9.67
N PRO D 157 -4.20 -12.64 10.05
CA PRO D 157 -5.42 -13.34 9.60
C PRO D 157 -6.69 -12.51 9.47
N ASP D 158 -6.86 -11.53 10.35
CA ASP D 158 -8.06 -10.70 10.39
C ASP D 158 -8.04 -9.65 9.27
N THR D 159 -6.97 -8.89 9.22
CA THR D 159 -6.83 -7.78 8.25
C THR D 159 -6.48 -8.26 6.83
N LEU D 160 -6.91 -9.47 6.45
CA LEU D 160 -6.64 -10.00 5.11
C LEU D 160 -7.90 -10.12 4.27
N THR D 161 -7.76 -9.79 2.98
CA THR D 161 -8.86 -9.76 2.02
C THR D 161 -8.39 -10.35 0.69
N PRO D 162 -9.29 -10.97 -0.09
CA PRO D 162 -8.94 -11.62 -1.35
C PRO D 162 -8.13 -10.76 -2.32
N ALA D 163 -8.61 -9.55 -2.59
CA ALA D 163 -7.92 -8.64 -3.52
C ALA D 163 -6.48 -8.37 -3.05
N LYS D 164 -6.28 -8.41 -1.74
CA LYS D 164 -4.97 -8.21 -1.14
C LYS D 164 -4.02 -9.41 -1.31
N LEU D 165 -4.54 -10.63 -1.21
CA LEU D 165 -3.71 -11.84 -1.29
C LEU D 165 -3.25 -12.14 -2.71
N VAL D 166 -4.20 -12.11 -3.64
CA VAL D 166 -3.94 -12.52 -5.00
C VAL D 166 -3.01 -11.54 -5.73
N ASN D 167 -1.88 -12.07 -6.17
CA ASN D 167 -0.97 -11.35 -7.02
C ASN D 167 -1.13 -11.88 -8.44
N SER D 168 -1.45 -10.99 -9.37
CA SER D 168 -1.76 -11.41 -10.73
C SER D 168 -0.51 -11.52 -11.63
N ARG D 169 0.67 -11.19 -11.08
CA ARG D 169 1.91 -11.11 -11.88
C ARG D 169 2.40 -12.45 -12.42
N PRO D 170 2.40 -13.49 -11.57
CA PRO D 170 2.82 -14.82 -12.03
C PRO D 170 1.94 -15.39 -13.13
N LEU D 171 0.67 -15.00 -13.16
CA LEU D 171 -0.26 -15.48 -14.17
C LEU D 171 -0.09 -14.68 -15.45
N GLU D 172 -0.01 -13.36 -15.33
CA GLU D 172 0.22 -12.49 -16.48
C GLU D 172 1.61 -12.77 -17.06
N ALA D 173 2.58 -13.00 -16.18
CA ALA D 173 3.95 -13.29 -16.59
C ALA D 173 4.05 -14.63 -17.29
N ALA D 174 3.29 -15.62 -16.81
CA ALA D 174 3.27 -16.93 -17.45
C ALA D 174 2.68 -16.82 -18.85
N LEU D 175 1.60 -16.06 -18.98
CA LEU D 175 0.96 -15.82 -20.27
C LEU D 175 1.81 -14.94 -21.19
N ARG D 176 2.44 -13.92 -20.62
CA ARG D 176 3.30 -13.01 -21.39
C ARG D 176 4.34 -13.81 -22.17
N GLU D 177 4.97 -14.78 -21.51
CA GLU D 177 5.91 -15.67 -22.17
C GLU D 177 5.23 -16.44 -23.30
N PHE D 178 4.14 -17.16 -22.99
CA PHE D 178 3.44 -17.99 -23.99
C PHE D 178 3.09 -17.23 -25.27
N PHE D 179 2.61 -16.00 -25.13
CA PHE D 179 2.18 -15.21 -26.29
C PHE D 179 3.30 -14.38 -26.93
N SER D 180 4.39 -14.14 -26.19
CA SER D 180 5.52 -13.36 -26.73
C SER D 180 6.40 -14.21 -27.65
N ARG D 181 6.14 -15.51 -27.68
CA ARG D 181 6.85 -16.43 -28.55
C ARG D 181 5.97 -16.87 -29.70
N SER D 182 4.97 -16.08 -30.03
CA SER D 182 4.07 -16.39 -31.11
C SER D 182 4.65 -15.82 -32.40
N GLN D 183 4.50 -16.58 -33.48
CA GLN D 183 4.98 -16.18 -34.80
C GLN D 183 4.09 -15.10 -35.39
N LEU D 184 4.53 -14.55 -36.51
CA LEU D 184 3.73 -13.60 -37.30
C LEU D 184 3.05 -14.38 -38.43
N SER D 185 1.81 -13.98 -38.76
CA SER D 185 1.02 -14.71 -39.75
C SER D 185 1.59 -14.56 -41.17
N GLN D 186 1.54 -15.65 -41.93
CA GLN D 186 2.13 -15.72 -43.28
C GLN D 186 1.09 -15.45 -44.35
N VAL E 16 -5.04 -14.23 36.00
CA VAL E 16 -4.14 -13.62 37.03
C VAL E 16 -4.43 -12.15 37.19
N GLY E 17 -5.03 -11.79 38.33
CA GLY E 17 -5.22 -10.40 38.72
C GLY E 17 -4.32 -10.04 39.88
N GLN E 18 -3.54 -8.98 39.72
CA GLN E 18 -2.73 -8.49 40.81
C GLN E 18 -3.46 -7.36 41.53
N TYR E 19 -3.52 -7.47 42.85
CA TYR E 19 -4.21 -6.51 43.70
C TYR E 19 -3.26 -5.39 44.10
N LEU E 20 -3.52 -4.19 43.58
CA LEU E 20 -2.65 -3.03 43.85
C LEU E 20 -3.27 -2.06 44.88
N GLY E 21 -4.20 -2.56 45.69
CA GLY E 21 -4.70 -1.80 46.83
C GLY E 21 -5.88 -0.91 46.51
N LEU E 22 -6.44 -0.31 47.56
CA LEU E 22 -7.56 0.61 47.43
C LEU E 22 -7.03 2.03 47.16
N GLU E 23 -7.88 2.85 46.54
CA GLU E 23 -7.49 4.18 46.11
C GLU E 23 -8.72 5.08 45.99
N THR E 24 -8.61 6.31 46.47
CA THR E 24 -9.74 7.25 46.47
C THR E 24 -9.70 8.20 45.27
N ARG E 25 -10.17 7.71 44.13
CA ARG E 25 -10.20 8.49 42.90
C ARG E 25 -11.51 9.23 42.76
N GLU E 26 -11.45 10.42 42.17
CA GLU E 26 -12.64 11.21 41.90
C GLU E 26 -12.96 11.14 40.40
N VAL E 27 -14.13 10.60 40.07
CA VAL E 27 -14.56 10.45 38.67
C VAL E 27 -16.03 10.81 38.49
N LEU E 28 -16.39 11.22 37.27
CA LEU E 28 -17.74 11.73 36.93
C LEU E 28 -18.10 12.98 37.73
N GLY E 29 -17.08 13.74 38.15
CA GLY E 29 -17.28 14.97 38.92
C GLY E 29 -17.06 14.88 40.42
N VAL E 30 -16.67 13.71 40.95
CA VAL E 30 -16.39 13.58 42.39
C VAL E 30 -15.84 12.21 42.81
N LYS E 31 -15.41 12.13 44.07
CA LYS E 31 -14.83 10.92 44.69
C LYS E 31 -15.55 9.63 44.32
N ARG E 32 -14.76 8.56 44.24
CA ARG E 32 -15.20 7.21 44.58
C ARG E 32 -13.97 6.33 44.81
N ASP E 33 -14.00 5.55 45.88
CA ASP E 33 -12.96 4.56 46.11
C ASP E 33 -13.14 3.39 45.15
N TYR E 34 -12.02 2.81 44.72
CA TYR E 34 -12.05 1.58 43.94
C TYR E 34 -11.03 0.60 44.48
N LEU E 35 -11.31 -0.68 44.32
CA LEU E 35 -10.31 -1.72 44.47
C LEU E 35 -9.43 -1.69 43.23
N VAL E 36 -8.15 -1.33 43.39
CA VAL E 36 -7.27 -1.17 42.24
C VAL E 36 -6.52 -2.46 41.93
N LEU E 37 -6.82 -3.03 40.76
CA LEU E 37 -6.20 -4.25 40.30
C LEU E 37 -5.47 -4.02 38.97
N ARG E 38 -4.26 -4.54 38.86
CA ARG E 38 -3.63 -4.70 37.56
C ARG E 38 -3.74 -6.16 37.15
N TYR E 39 -4.55 -6.45 36.15
CA TYR E 39 -4.55 -7.78 35.56
C TYR E 39 -3.24 -7.98 34.82
N LYS E 40 -2.46 -8.99 35.21
CA LYS E 40 -1.29 -9.33 34.42
C LYS E 40 -1.78 -9.82 33.07
N GLY E 41 -1.13 -9.31 32.04
CA GLY E 41 -1.67 -8.99 30.76
C GLY E 41 -1.95 -7.56 31.10
N GLU E 42 -2.09 -6.64 30.18
CA GLU E 42 -2.21 -5.35 30.79
C GLU E 42 -3.47 -4.54 30.64
N GLY E 43 -4.05 -4.22 31.78
CA GLY E 43 -5.00 -3.17 31.97
C GLY E 43 -4.84 -2.72 33.40
N LYS E 44 -5.15 -1.50 33.75
CA LYS E 44 -5.18 -1.15 35.14
C LYS E 44 -6.66 -1.04 35.27
N LEU E 45 -7.27 -1.95 36.02
CA LEU E 45 -8.72 -2.00 36.23
C LEU E 45 -9.04 -1.36 37.58
N TYR E 46 -9.96 -0.39 37.60
CA TYR E 46 -10.44 0.19 38.86
C TYR E 46 -11.88 -0.25 39.11
N LEU E 47 -12.07 -0.95 40.23
CA LEU E 47 -13.33 -1.63 40.53
C LEU E 47 -13.97 -1.01 41.78
N PRO E 48 -15.16 -0.39 41.63
CA PRO E 48 -15.75 0.36 42.75
C PRO E 48 -16.14 -0.50 43.95
N VAL E 49 -15.98 0.05 45.14
CA VAL E 49 -16.38 -0.63 46.39
C VAL E 49 -17.91 -0.73 46.51
N GLU E 50 -18.62 0.24 45.93
CA GLU E 50 -20.09 0.23 45.91
C GLU E 50 -20.69 -1.05 45.32
N GLN E 51 -20.08 -1.57 44.25
CA GLN E 51 -20.54 -2.84 43.66
C GLN E 51 -20.18 -4.01 44.55
N LEU E 52 -20.82 -5.16 44.31
CA LEU E 52 -20.58 -6.38 45.11
C LEU E 52 -19.29 -7.10 44.68
N PRO E 53 -19.15 -7.43 43.37
CA PRO E 53 -17.90 -8.01 42.92
C PRO E 53 -17.20 -7.16 41.86
N GLY F 17 15.83 13.77 -6.83
CA GLY F 17 16.56 13.75 -5.52
C GLY F 17 17.56 14.87 -5.42
N GLN F 18 18.60 14.68 -4.60
CA GLN F 18 19.71 15.62 -4.52
C GLN F 18 21.06 14.91 -4.60
N TYR F 19 22.08 15.69 -4.92
CA TYR F 19 23.42 15.18 -5.21
C TYR F 19 24.32 15.45 -4.01
N LEU F 20 24.82 14.37 -3.41
CA LEU F 20 25.64 14.47 -2.21
C LEU F 20 27.03 13.87 -2.43
N GLY F 21 27.67 14.27 -3.53
CA GLY F 21 29.03 13.80 -3.84
C GLY F 21 29.00 12.51 -4.64
N LEU F 22 30.19 12.06 -5.05
CA LEU F 22 30.33 10.85 -5.87
C LEU F 22 31.33 9.90 -5.23
N GLU F 23 30.83 8.82 -4.64
CA GLU F 23 31.65 7.90 -3.85
C GLU F 23 32.08 6.66 -4.63
N THR F 24 33.39 6.49 -4.78
CA THR F 24 33.98 5.28 -5.32
C THR F 24 34.06 4.19 -4.25
N ARG F 32 32.27 -0.16 -7.26
CA ARG F 32 33.03 0.75 -8.11
C ARG F 32 32.88 2.21 -7.65
N ASP F 33 32.96 3.14 -8.60
CA ASP F 33 32.85 4.59 -8.36
C ASP F 33 31.49 5.14 -8.78
N TYR F 34 30.88 5.97 -7.94
CA TYR F 34 29.58 6.58 -8.29
C TYR F 34 28.95 7.67 -7.43
N LEU F 35 27.95 8.32 -8.05
CA LEU F 35 27.07 9.31 -7.45
C LEU F 35 26.30 8.83 -6.23
N VAL F 36 26.10 9.73 -5.28
CA VAL F 36 25.28 9.48 -4.10
C VAL F 36 24.00 10.30 -4.23
N LEU F 37 22.88 9.62 -4.47
CA LEU F 37 21.60 10.28 -4.68
C LEU F 37 20.63 10.10 -3.51
N ARG F 38 20.19 11.22 -2.94
CA ARG F 38 19.13 11.23 -1.93
C ARG F 38 17.82 11.63 -2.56
N TYR F 39 16.80 10.80 -2.42
CA TYR F 39 15.44 11.17 -2.80
C TYR F 39 14.66 11.60 -1.55
N LYS F 40 13.71 12.51 -1.73
CA LYS F 40 12.79 12.88 -0.66
C LYS F 40 11.95 11.69 -0.23
N GLY F 41 12.20 11.19 0.97
CA GLY F 41 11.30 10.23 1.61
C GLY F 41 11.48 8.75 1.34
N GLU F 42 12.70 8.29 1.02
CA GLU F 42 12.90 6.84 0.84
C GLU F 42 14.23 6.23 1.34
N GLY F 43 15.32 7.00 1.32
CA GLY F 43 16.65 6.46 1.68
C GLY F 43 17.70 6.95 0.71
N LYS F 44 18.70 6.12 0.43
CA LYS F 44 19.79 6.51 -0.48
C LYS F 44 19.95 5.58 -1.68
N LEU F 45 20.04 6.19 -2.86
CA LEU F 45 20.40 5.49 -4.09
C LEU F 45 21.89 5.69 -4.36
N TYR F 46 22.57 4.63 -4.79
CA TYR F 46 23.95 4.70 -5.26
C TYR F 46 23.99 4.23 -6.69
N LEU F 47 24.16 5.17 -7.63
CA LEU F 47 24.17 4.81 -9.06
C LEU F 47 25.53 5.02 -9.71
N PRO F 48 25.97 4.03 -10.51
CA PRO F 48 27.31 3.81 -11.08
C PRO F 48 27.89 5.04 -11.77
N VAL F 49 29.18 5.27 -11.60
CA VAL F 49 29.85 6.38 -12.30
C VAL F 49 29.81 6.08 -13.79
N GLU F 50 29.73 4.80 -14.13
CA GLU F 50 29.60 4.39 -15.53
C GLU F 50 28.22 4.66 -16.12
N GLN F 51 27.37 5.41 -15.41
CA GLN F 51 25.94 5.34 -15.67
C GLN F 51 25.21 6.62 -16.08
N LEU F 52 24.68 6.58 -17.31
CA LEU F 52 23.37 7.15 -17.59
C LEU F 52 22.47 6.39 -16.61
N PRO F 53 21.34 6.97 -16.18
CA PRO F 53 20.61 6.32 -15.07
C PRO F 53 20.21 4.88 -15.34
N GLU G 13 21.82 -4.19 -31.64
CA GLU G 13 20.49 -4.62 -31.10
C GLU G 13 19.70 -5.40 -32.16
N HIS G 14 19.95 -6.71 -32.25
CA HIS G 14 19.43 -7.51 -33.36
C HIS G 14 18.12 -8.24 -33.03
N GLY G 15 17.03 -7.77 -33.63
CA GLY G 15 15.70 -8.39 -33.51
C GLY G 15 14.97 -8.37 -34.84
N VAL G 16 13.90 -9.15 -34.97
CA VAL G 16 13.22 -9.33 -36.27
C VAL G 16 12.39 -8.10 -36.63
N GLY G 17 12.59 -7.58 -37.85
CA GLY G 17 12.00 -6.31 -38.27
C GLY G 17 11.17 -6.37 -39.55
N GLN G 18 9.85 -6.25 -39.41
CA GLN G 18 8.93 -6.28 -40.56
C GLN G 18 9.08 -5.07 -41.46
N TYR G 19 9.03 -5.30 -42.77
CA TYR G 19 8.92 -4.21 -43.74
C TYR G 19 7.47 -4.11 -44.22
N LEU G 20 6.85 -2.96 -44.00
CA LEU G 20 5.48 -2.74 -44.48
C LEU G 20 5.35 -1.38 -45.19
N GLY G 21 6.13 -1.22 -46.25
CA GLY G 21 5.89 -0.19 -47.26
C GLY G 21 6.49 1.17 -47.04
N LEU G 22 6.23 2.05 -48.02
CA LEU G 22 6.59 3.47 -47.94
C LEU G 22 5.33 4.29 -47.60
N GLU G 23 5.35 4.96 -46.45
CA GLU G 23 4.30 5.94 -46.11
C GLU G 23 4.91 7.33 -46.01
N THR G 24 4.05 8.34 -46.18
CA THR G 24 4.48 9.72 -46.13
C THR G 24 3.49 10.53 -45.29
N ARG G 25 3.91 10.92 -44.09
CA ARG G 25 3.08 11.72 -43.20
C ARG G 25 3.68 13.11 -43.05
N GLU G 26 2.82 14.06 -42.70
CA GLU G 26 3.23 15.43 -42.42
C GLU G 26 3.16 15.67 -40.91
N VAL G 27 4.30 15.99 -40.31
CA VAL G 27 4.38 16.32 -38.89
C VAL G 27 5.50 17.34 -38.63
N LEU G 28 5.31 18.18 -37.62
CA LEU G 28 6.31 19.18 -37.23
C LEU G 28 6.82 20.02 -38.41
N GLY G 29 5.90 20.47 -39.24
CA GLY G 29 6.20 21.37 -40.35
C GLY G 29 6.54 20.76 -41.68
N VAL G 30 6.57 19.43 -41.79
CA VAL G 30 6.92 18.78 -43.06
C VAL G 30 6.44 17.34 -43.20
N LYS G 31 6.11 16.99 -44.45
CA LYS G 31 5.90 15.60 -44.86
C LYS G 31 7.18 15.06 -45.48
N ARG G 32 7.14 13.81 -45.94
CA ARG G 32 8.27 13.21 -46.63
C ARG G 32 7.88 11.82 -47.08
N ASP G 33 8.83 11.09 -47.64
CA ASP G 33 8.63 9.66 -47.90
C ASP G 33 9.33 8.95 -46.76
N TYR G 34 8.58 8.17 -46.00
CA TYR G 34 9.13 7.45 -44.86
C TYR G 34 9.10 5.95 -45.09
N LEU G 35 10.16 5.28 -44.66
CA LEU G 35 10.22 3.82 -44.64
C LEU G 35 9.58 3.34 -43.34
N VAL G 36 8.78 2.29 -43.40
CA VAL G 36 8.02 1.85 -42.23
C VAL G 36 8.41 0.46 -41.75
N LEU G 37 8.91 0.39 -40.51
CA LEU G 37 9.26 -0.88 -39.87
C LEU G 37 8.38 -1.16 -38.65
N ARG G 38 8.16 -2.45 -38.39
CA ARG G 38 7.47 -2.90 -37.20
C ARG G 38 8.28 -4.03 -36.62
N TYR G 39 9.09 -3.72 -35.62
CA TYR G 39 9.90 -4.74 -34.96
C TYR G 39 9.03 -5.50 -33.98
N LYS G 40 9.10 -6.82 -34.05
CA LYS G 40 8.18 -7.72 -33.33
C LYS G 40 8.04 -7.38 -31.84
N GLY G 41 6.79 -7.30 -31.38
CA GLY G 41 6.50 -7.14 -29.97
C GLY G 41 6.43 -5.70 -29.50
N GLU G 42 6.71 -4.75 -30.39
CA GLU G 42 6.69 -3.36 -30.00
C GLU G 42 6.62 -2.40 -31.19
N GLY G 43 5.76 -1.39 -31.06
CA GLY G 43 5.85 -0.15 -31.81
C GLY G 43 5.81 -0.20 -33.32
N LYS G 44 6.31 0.88 -33.93
CA LYS G 44 6.33 1.05 -35.38
C LYS G 44 7.35 2.13 -35.69
N LEU G 45 8.34 1.80 -36.51
CA LEU G 45 9.43 2.73 -36.83
C LEU G 45 9.18 3.37 -38.19
N TYR G 46 9.24 4.70 -38.22
CA TYR G 46 9.23 5.46 -39.47
C TYR G 46 10.63 6.00 -39.73
N LEU G 47 11.33 5.41 -40.69
CA LEU G 47 12.64 5.89 -41.07
C LEU G 47 12.54 6.91 -42.20
N PRO G 48 13.17 8.09 -42.01
CA PRO G 48 13.17 9.09 -43.06
C PRO G 48 14.11 8.63 -44.15
N VAL G 49 13.56 8.28 -45.30
CA VAL G 49 14.32 7.57 -46.35
C VAL G 49 15.50 8.41 -46.87
N GLU G 50 15.30 9.72 -46.92
CA GLU G 50 16.21 10.65 -47.58
C GLU G 50 17.58 10.66 -46.89
N GLN G 51 17.56 10.74 -45.56
CA GLN G 51 18.72 10.36 -44.76
C GLN G 51 18.77 8.83 -44.77
N LEU G 52 19.95 8.26 -44.95
CA LEU G 52 20.09 6.80 -44.95
C LEU G 52 20.14 6.27 -43.53
N GLN H 18 -21.86 -0.27 4.30
CA GLN H 18 -23.27 -0.33 3.82
C GLN H 18 -23.87 -1.70 4.09
N TYR H 19 -25.18 -1.73 4.30
CA TYR H 19 -25.94 -2.94 4.59
C TYR H 19 -26.75 -3.35 3.37
N LEU H 20 -26.68 -4.65 3.03
CA LEU H 20 -27.36 -5.19 1.86
C LEU H 20 -28.42 -6.24 2.15
N GLY H 21 -28.34 -6.90 3.31
CA GLY H 21 -29.35 -7.87 3.73
C GLY H 21 -28.80 -9.20 4.21
N LEU H 22 -29.67 -10.21 4.17
CA LEU H 22 -29.34 -11.57 4.57
C LEU H 22 -29.28 -12.49 3.35
N GLU H 23 -28.39 -13.48 3.41
CA GLU H 23 -28.27 -14.44 2.33
C GLU H 23 -27.82 -15.82 2.84
N THR H 24 -28.39 -16.86 2.24
CA THR H 24 -28.14 -18.23 2.67
C THR H 24 -26.93 -18.81 1.95
N ARG H 25 -26.05 -19.47 2.71
CA ARG H 25 -24.88 -20.11 2.13
C ARG H 25 -24.74 -21.53 2.62
N GLU H 26 -24.24 -22.38 1.72
CA GLU H 26 -23.66 -23.64 2.10
C GLU H 26 -22.17 -23.55 1.79
N VAL H 27 -21.41 -23.00 2.74
CA VAL H 27 -19.95 -23.06 2.64
C VAL H 27 -19.63 -24.55 2.74
N LEU H 28 -18.46 -24.95 2.26
CA LEU H 28 -18.07 -26.37 2.31
C LEU H 28 -18.53 -27.01 3.61
N GLY H 29 -18.40 -26.26 4.70
CA GLY H 29 -18.89 -26.66 6.02
C GLY H 29 -20.39 -26.85 6.16
N VAL H 30 -21.17 -25.77 6.02
CA VAL H 30 -22.56 -25.78 6.52
C VAL H 30 -23.52 -24.81 5.86
N LYS H 31 -24.82 -25.07 6.09
CA LYS H 31 -25.89 -24.11 5.84
C LYS H 31 -25.99 -23.15 7.03
N ARG H 32 -25.61 -21.89 6.80
CA ARG H 32 -25.72 -20.82 7.81
C ARG H 32 -26.27 -19.56 7.12
N ASP H 33 -26.88 -18.66 7.89
CA ASP H 33 -27.30 -17.35 7.38
C ASP H 33 -26.21 -16.30 7.58
N TYR H 34 -26.09 -15.38 6.62
CA TYR H 34 -25.08 -14.33 6.68
C TYR H 34 -25.65 -12.94 6.52
N LEU H 35 -25.16 -12.03 7.35
CA LEU H 35 -25.46 -10.60 7.25
C LEU H 35 -24.46 -9.98 6.26
N VAL H 36 -24.99 -9.47 5.14
CA VAL H 36 -24.17 -9.02 4.01
C VAL H 36 -23.94 -7.50 4.03
N LEU H 37 -22.68 -7.08 4.10
CA LEU H 37 -22.32 -5.66 4.08
C LEU H 37 -21.30 -5.36 2.99
N ARG H 38 -21.13 -4.07 2.73
CA ARG H 38 -20.17 -3.60 1.73
C ARG H 38 -19.41 -2.39 2.28
N TYR H 39 -18.08 -2.53 2.35
CA TYR H 39 -17.22 -1.38 2.61
C TYR H 39 -16.55 -1.03 1.29
N LYS H 40 -16.54 0.27 0.97
CA LYS H 40 -16.28 0.75 -0.40
C LYS H 40 -15.00 0.23 -1.02
N GLY H 41 -15.07 -0.11 -2.31
CA GLY H 41 -13.91 -0.61 -3.05
C GLY H 41 -13.46 -2.01 -2.65
N GLU H 42 -14.27 -2.66 -1.83
CA GLU H 42 -13.94 -3.96 -1.26
C GLU H 42 -15.06 -4.93 -1.51
N GLY H 43 -14.80 -6.19 -1.19
CA GLY H 43 -15.78 -7.22 -1.35
C GLY H 43 -16.95 -7.06 -0.40
N LYS H 44 -18.05 -7.73 -0.72
CA LYS H 44 -19.16 -7.83 0.20
C LYS H 44 -18.66 -8.57 1.44
N LEU H 45 -19.22 -8.25 2.59
CA LEU H 45 -18.81 -8.86 3.84
C LEU H 45 -19.95 -9.69 4.41
N TYR H 46 -19.74 -11.00 4.50
CA TYR H 46 -20.73 -11.89 5.05
C TYR H 46 -20.41 -12.13 6.52
N LEU H 47 -21.03 -11.31 7.37
CA LEU H 47 -20.98 -11.49 8.81
C LEU H 47 -21.86 -12.68 9.18
N PRO H 48 -21.30 -13.68 9.88
CA PRO H 48 -22.08 -14.86 10.27
C PRO H 48 -23.12 -14.59 11.35
N VAL H 49 -24.27 -15.25 11.25
CA VAL H 49 -25.36 -15.07 12.21
C VAL H 49 -25.11 -15.91 13.46
N GLU H 50 -24.70 -15.22 14.53
CA GLU H 50 -24.56 -15.80 15.87
C GLU H 50 -24.99 -14.70 16.84
N GLN H 51 -25.04 -14.99 18.14
CA GLN H 51 -25.55 -14.00 19.10
C GLN H 51 -24.59 -12.82 19.34
N LEU H 52 -23.31 -13.09 19.58
CA LEU H 52 -22.44 -12.13 20.28
C LEU H 52 -21.33 -11.36 19.50
N PRO H 53 -21.41 -11.28 18.16
CA PRO H 53 -20.28 -10.74 17.39
C PRO H 53 -19.88 -9.28 17.75
N LEU H 54 -18.57 -9.03 17.77
CA LEU H 54 -17.98 -7.77 18.27
C LEU H 54 -17.96 -6.63 17.26
N LEU H 55 -18.10 -7.03 16.00
CA LEU H 55 -16.96 -7.00 15.09
C LEU H 55 -16.52 -5.76 14.28
N LYS H 56 -15.38 -5.96 13.61
CA LYS H 56 -14.52 -4.89 13.11
C LYS H 56 -14.79 -4.55 11.65
N ARG H 57 -14.60 -3.28 11.33
CA ARG H 57 -14.89 -2.73 10.01
C ARG H 57 -13.62 -2.11 9.43
N HIS H 58 -13.54 -2.02 8.10
CA HIS H 58 -12.37 -1.42 7.45
C HIS H 58 -12.74 -0.57 6.23
N PRO H 59 -12.71 0.78 6.39
CA PRO H 59 -12.84 1.68 5.25
C PRO H 59 -11.65 2.63 5.08
P PO4 I . -6.47 16.71 5.43
O1 PO4 I . -6.39 18.18 5.07
O2 PO4 I . -7.86 16.38 5.91
O3 PO4 I . -5.48 16.41 6.55
O4 PO4 I . -6.11 15.88 4.22
#